data_2MNF
# 
_entry.id   2MNF 
# 
_audit_conform.dict_name       mmcif_pdbx.dic 
_audit_conform.dict_version    5.391 
_audit_conform.dict_location   http://mmcif.pdb.org/dictionaries/ascii/mmcif_pdbx.dic 
# 
loop_
_database_2.database_id 
_database_2.database_code 
_database_2.pdbx_database_accession 
_database_2.pdbx_DOI 
PDB   2MNF         pdb_00002mnf 10.2210/pdb2mnf/pdb 
RCSB  RCSB103824   ?            ?                   
BMRB  19890        ?            10.13018/BMR19890   
WWPDB D_1000103824 ?            ?                   
# 
loop_
_pdbx_audit_revision_history.ordinal 
_pdbx_audit_revision_history.data_content_type 
_pdbx_audit_revision_history.major_revision 
_pdbx_audit_revision_history.minor_revision 
_pdbx_audit_revision_history.revision_date 
1 'Structure model' 1 0 2014-07-30 
2 'Structure model' 1 1 2014-09-17 
3 'Structure model' 1 2 2024-05-01 
# 
_pdbx_audit_revision_details.ordinal             1 
_pdbx_audit_revision_details.revision_ordinal    1 
_pdbx_audit_revision_details.data_content_type   'Structure model' 
_pdbx_audit_revision_details.provider            repository 
_pdbx_audit_revision_details.type                'Initial release' 
_pdbx_audit_revision_details.description         ? 
_pdbx_audit_revision_details.details             ? 
# 
loop_
_pdbx_audit_revision_group.ordinal 
_pdbx_audit_revision_group.revision_ordinal 
_pdbx_audit_revision_group.data_content_type 
_pdbx_audit_revision_group.group 
1 2 'Structure model' 'Database references' 
2 3 'Structure model' 'Data collection'     
3 3 'Structure model' 'Database references' 
# 
loop_
_pdbx_audit_revision_category.ordinal 
_pdbx_audit_revision_category.revision_ordinal 
_pdbx_audit_revision_category.data_content_type 
_pdbx_audit_revision_category.category 
1 3 'Structure model' chem_comp_atom        
2 3 'Structure model' chem_comp_bond        
3 3 'Structure model' database_2            
4 3 'Structure model' pdbx_nmr_software     
5 3 'Structure model' pdbx_nmr_spectrometer 
# 
loop_
_pdbx_audit_revision_item.ordinal 
_pdbx_audit_revision_item.revision_ordinal 
_pdbx_audit_revision_item.data_content_type 
_pdbx_audit_revision_item.item 
1 3 'Structure model' '_database_2.pdbx_DOI'                
2 3 'Structure model' '_database_2.pdbx_database_accession' 
3 3 'Structure model' '_pdbx_nmr_software.name'             
4 3 'Structure model' '_pdbx_nmr_spectrometer.model'        
# 
_pdbx_database_status.deposit_site                    BMRB 
_pdbx_database_status.entry_id                        2MNF 
_pdbx_database_status.process_site                    RCSB 
_pdbx_database_status.recvd_initial_deposition_date   2014-04-03 
_pdbx_database_status.SG_entry                        ? 
_pdbx_database_status.status_code                     REL 
_pdbx_database_status.status_code_mr                  REL 
_pdbx_database_status.status_code_sf                  ? 
_pdbx_database_status.status_code_cs                  REL 
_pdbx_database_status.methods_development_category    ? 
_pdbx_database_status.pdb_format_compatible           Y 
_pdbx_database_status.status_code_nmr_data            ? 
# 
loop_
_pdbx_database_related.db_id 
_pdbx_database_related.db_name 
_pdbx_database_related.content_type 
_pdbx_database_related.details 
19890 BMRB unspecified . 
2MND  PDB  unspecified . 
2MNE  PDB  unspecified . 
# 
loop_
_audit_author.name 
_audit_author.pdbx_ordinal 
'Alniss, H.Y.'    1 
'Salvia, M.-V.'   2 
'Sadikov, M.'     3 
'Golovchenko, I.' 4 
'Anthony, N.G.'   5 
'Khalaf, A.I.'    6 
'Mackay, S.P.'    7 
'Suckling, C.J.'  8 
'Parkinson, J.A.' 9 
# 
_citation.id                        primary 
_citation.title                     'Recognition of the DNA minor groove by thiazotropsin analogues.' 
_citation.journal_abbrev            Chembiochem 
_citation.journal_volume            15 
_citation.page_first                1978 
_citation.page_last                 1990 
_citation.year                      2014 
_citation.journal_id_ASTM           ? 
_citation.country                   GE 
_citation.journal_id_ISSN           1439-4227 
_citation.journal_id_CSD            ? 
_citation.book_publisher            ? 
_citation.pdbx_database_id_PubMed   25045155 
_citation.pdbx_database_id_DOI      10.1002/cbic.201402202 
# 
loop_
_citation_author.citation_id 
_citation_author.name 
_citation_author.ordinal 
_citation_author.identifier_ORCID 
primary 'Alniss, H.Y.'    1 ? 
primary 'Salvia, M.V.'    2 ? 
primary 'Sadikov, M.'     3 ? 
primary 'Golovchenko, I.' 4 ? 
primary 'Anthony, N.G.'   5 ? 
primary 'Khalaf, A.I.'    6 ? 
primary 'MacKay, S.P.'    7 ? 
primary 'Suckling, C.J.'  8 ? 
primary 'Parkinson, J.A.' 9 ? 
# 
_entity.id                         1 
_entity.type                       polymer 
_entity.src_method                 syn 
_entity.pdbx_description           "5'-D(*CP*GP*AP*CP*TP*AP*GP*TP*CP*G)-3'" 
_entity.formula_weight             3045.005 
_entity.pdbx_number_of_molecules   2 
_entity.pdbx_ec                    ? 
_entity.pdbx_mutation              ? 
_entity.pdbx_fragment              ? 
_entity.details                    ? 
# 
_entity_poly.entity_id                      1 
_entity_poly.type                           polydeoxyribonucleotide 
_entity_poly.nstd_linkage                   no 
_entity_poly.nstd_monomer                   no 
_entity_poly.pdbx_seq_one_letter_code       '(DC)(DG)(DA)(DC)(DT)(DA)(DG)(DT)(DC)(DG)' 
_entity_poly.pdbx_seq_one_letter_code_can   CGACTAGTCG 
_entity_poly.pdbx_strand_id                 A,B 
_entity_poly.pdbx_target_identifier         ? 
# 
loop_
_entity_poly_seq.entity_id 
_entity_poly_seq.num 
_entity_poly_seq.mon_id 
_entity_poly_seq.hetero 
1 1  DC n 
1 2  DG n 
1 3  DA n 
1 4  DC n 
1 5  DT n 
1 6  DA n 
1 7  DG n 
1 8  DT n 
1 9  DC n 
1 10 DG n 
# 
loop_
_chem_comp.id 
_chem_comp.type 
_chem_comp.mon_nstd_flag 
_chem_comp.name 
_chem_comp.pdbx_synonyms 
_chem_comp.formula 
_chem_comp.formula_weight 
DA 'DNA linking' y "2'-DEOXYADENOSINE-5'-MONOPHOSPHATE" ? 'C10 H14 N5 O6 P' 331.222 
DC 'DNA linking' y "2'-DEOXYCYTIDINE-5'-MONOPHOSPHATE"  ? 'C9 H14 N3 O7 P'  307.197 
DG 'DNA linking' y "2'-DEOXYGUANOSINE-5'-MONOPHOSPHATE" ? 'C10 H14 N5 O7 P' 347.221 
DT 'DNA linking' y "THYMIDINE-5'-MONOPHOSPHATE"         ? 'C10 H15 N2 O8 P' 322.208 
# 
loop_
_pdbx_poly_seq_scheme.asym_id 
_pdbx_poly_seq_scheme.entity_id 
_pdbx_poly_seq_scheme.seq_id 
_pdbx_poly_seq_scheme.mon_id 
_pdbx_poly_seq_scheme.ndb_seq_num 
_pdbx_poly_seq_scheme.pdb_seq_num 
_pdbx_poly_seq_scheme.auth_seq_num 
_pdbx_poly_seq_scheme.pdb_mon_id 
_pdbx_poly_seq_scheme.auth_mon_id 
_pdbx_poly_seq_scheme.pdb_strand_id 
_pdbx_poly_seq_scheme.pdb_ins_code 
_pdbx_poly_seq_scheme.hetero 
A 1 1  DC 1  1  1  DC DC A . n 
A 1 2  DG 2  2  2  DG DG A . n 
A 1 3  DA 3  3  3  DA DA A . n 
A 1 4  DC 4  4  4  DC DC A . n 
A 1 5  DT 5  5  5  DT DT A . n 
A 1 6  DA 6  6  6  DA DA A . n 
A 1 7  DG 7  7  7  DG DG A . n 
A 1 8  DT 8  8  8  DT DT A . n 
A 1 9  DC 9  9  9  DC DC A . n 
A 1 10 DG 10 10 10 DG DG A . n 
B 1 1  DC 1  11 11 DC DC B . n 
B 1 2  DG 2  12 12 DG DG B . n 
B 1 3  DA 3  13 13 DA DA B . n 
B 1 4  DC 4  14 14 DC DC B . n 
B 1 5  DT 5  15 15 DT DT B . n 
B 1 6  DA 6  16 16 DA DA B . n 
B 1 7  DG 7  17 17 DG DG B . n 
B 1 8  DT 8  18 18 DT DT B . n 
B 1 9  DC 9  19 19 DC DC B . n 
B 1 10 DG 10 20 20 DG DG B . n 
# 
_exptl.absorpt_coefficient_mu     ? 
_exptl.absorpt_correction_T_max   ? 
_exptl.absorpt_correction_T_min   ? 
_exptl.absorpt_correction_type    ? 
_exptl.absorpt_process_details    ? 
_exptl.crystals_number            ? 
_exptl.details                    ? 
_exptl.entry_id                   2MNF 
_exptl.method                     'SOLUTION NMR' 
_exptl.method_details             ? 
# 
_struct.entry_id                  2MNF 
_struct.title                     'AIK-18/51 DNA recognition sequence d(CGACTAGTCG)2' 
_struct.pdbx_model_details        'minimized average structure, model 1' 
_struct.pdbx_CASP_flag            ? 
_struct.pdbx_model_type_details   'minimized average' 
# 
_struct_keywords.entry_id        2MNF 
_struct_keywords.pdbx_keywords   DNA 
_struct_keywords.text            
'THIAZOTROPSINS, DNA RECOGNITION, ISOTHERMAL TITRATION CALORIMETRY NMR, SELF-ASSEMBLY, MINOR GROOVE BINDER, DNA' 
# 
loop_
_struct_asym.id 
_struct_asym.pdbx_blank_PDB_chainid_flag 
_struct_asym.pdbx_modified 
_struct_asym.entity_id 
_struct_asym.details 
A N N 1 ? 
B N N 1 ? 
# 
_struct_ref.id                         1 
_struct_ref.db_name                    PDB 
_struct_ref.db_code                    2MNF 
_struct_ref.pdbx_db_accession          2MNF 
_struct_ref.entity_id                  1 
_struct_ref.pdbx_align_begin           ? 
_struct_ref.pdbx_seq_one_letter_code   ? 
_struct_ref.pdbx_db_isoform            ? 
# 
loop_
_struct_ref_seq.align_id 
_struct_ref_seq.ref_id 
_struct_ref_seq.pdbx_PDB_id_code 
_struct_ref_seq.pdbx_strand_id 
_struct_ref_seq.seq_align_beg 
_struct_ref_seq.pdbx_seq_align_beg_ins_code 
_struct_ref_seq.seq_align_end 
_struct_ref_seq.pdbx_seq_align_end_ins_code 
_struct_ref_seq.pdbx_db_accession 
_struct_ref_seq.db_align_beg 
_struct_ref_seq.pdbx_db_align_beg_ins_code 
_struct_ref_seq.db_align_end 
_struct_ref_seq.pdbx_db_align_end_ins_code 
_struct_ref_seq.pdbx_auth_seq_align_beg 
_struct_ref_seq.pdbx_auth_seq_align_end 
1 1 2MNF A 1 ? 10 ? 2MNF 1  ? 10 ? 1  10 
2 1 2MNF B 1 ? 10 ? 2MNF 11 ? 20 ? 11 20 
# 
_pdbx_struct_assembly.id                   1 
_pdbx_struct_assembly.details              author_defined_assembly 
_pdbx_struct_assembly.method_details       ? 
_pdbx_struct_assembly.oligomeric_details   dimeric 
_pdbx_struct_assembly.oligomeric_count     2 
# 
_pdbx_struct_assembly_gen.assembly_id       1 
_pdbx_struct_assembly_gen.oper_expression   1 
_pdbx_struct_assembly_gen.asym_id_list      A,B 
# 
_pdbx_struct_oper_list.id                   1 
_pdbx_struct_oper_list.type                 'identity operation' 
_pdbx_struct_oper_list.name                 1_555 
_pdbx_struct_oper_list.symmetry_operation   x,y,z 
_pdbx_struct_oper_list.matrix[1][1]         1.0000000000 
_pdbx_struct_oper_list.matrix[1][2]         0.0000000000 
_pdbx_struct_oper_list.matrix[1][3]         0.0000000000 
_pdbx_struct_oper_list.vector[1]            0.0000000000 
_pdbx_struct_oper_list.matrix[2][1]         0.0000000000 
_pdbx_struct_oper_list.matrix[2][2]         1.0000000000 
_pdbx_struct_oper_list.matrix[2][3]         0.0000000000 
_pdbx_struct_oper_list.vector[2]            0.0000000000 
_pdbx_struct_oper_list.matrix[3][1]         0.0000000000 
_pdbx_struct_oper_list.matrix[3][2]         0.0000000000 
_pdbx_struct_oper_list.matrix[3][3]         1.0000000000 
_pdbx_struct_oper_list.vector[3]            0.0000000000 
# 
_struct_biol.id        1 
_struct_biol.details   ? 
# 
loop_
_struct_conn.id 
_struct_conn.conn_type_id 
_struct_conn.pdbx_leaving_atom_flag 
_struct_conn.pdbx_PDB_id 
_struct_conn.ptnr1_label_asym_id 
_struct_conn.ptnr1_label_comp_id 
_struct_conn.ptnr1_label_seq_id 
_struct_conn.ptnr1_label_atom_id 
_struct_conn.pdbx_ptnr1_label_alt_id 
_struct_conn.pdbx_ptnr1_PDB_ins_code 
_struct_conn.pdbx_ptnr1_standard_comp_id 
_struct_conn.ptnr1_symmetry 
_struct_conn.ptnr2_label_asym_id 
_struct_conn.ptnr2_label_comp_id 
_struct_conn.ptnr2_label_seq_id 
_struct_conn.ptnr2_label_atom_id 
_struct_conn.pdbx_ptnr2_label_alt_id 
_struct_conn.pdbx_ptnr2_PDB_ins_code 
_struct_conn.ptnr1_auth_asym_id 
_struct_conn.ptnr1_auth_comp_id 
_struct_conn.ptnr1_auth_seq_id 
_struct_conn.ptnr2_auth_asym_id 
_struct_conn.ptnr2_auth_comp_id 
_struct_conn.ptnr2_auth_seq_id 
_struct_conn.ptnr2_symmetry 
_struct_conn.pdbx_ptnr3_label_atom_id 
_struct_conn.pdbx_ptnr3_label_seq_id 
_struct_conn.pdbx_ptnr3_label_comp_id 
_struct_conn.pdbx_ptnr3_label_asym_id 
_struct_conn.pdbx_ptnr3_label_alt_id 
_struct_conn.pdbx_ptnr3_PDB_ins_code 
_struct_conn.details 
_struct_conn.pdbx_dist_value 
_struct_conn.pdbx_value_order 
_struct_conn.pdbx_role 
hydrog1  hydrog ? ? A DC 1 N3 ? ? ? 1_555 B DG 10 N1 ? ? A DC 1 B DG 20 1_555 ? ? ? ? ? ? WATSON-CRICK    ? ? ? 
hydrog2  hydrog ? ? A DC 1 N4 ? ? ? 1_555 B DG 10 O6 ? ? A DC 1 B DG 20 1_555 ? ? ? ? ? ? WATSON-CRICK    ? ? ? 
hydrog3  hydrog ? ? A DC 1 O2 ? ? ? 1_555 B DG 10 N2 ? ? A DC 1 B DG 20 1_555 ? ? ? ? ? ? WATSON-CRICK    ? ? ? 
hydrog4  hydrog ? ? A DG 2 N1 ? ? ? 1_555 B DC 9  N3 ? ? A DG 2 B DC 19 1_555 ? ? ? ? ? ? WATSON-CRICK    ? ? ? 
hydrog5  hydrog ? ? A DG 2 N2 ? ? ? 1_555 B DC 9  O2 ? ? A DG 2 B DC 19 1_555 ? ? ? ? ? ? WATSON-CRICK    ? ? ? 
hydrog6  hydrog ? ? A DG 2 O6 ? ? ? 1_555 B DC 9  N4 ? ? A DG 2 B DC 19 1_555 ? ? ? ? ? ? WATSON-CRICK    ? ? ? 
hydrog7  hydrog ? ? A DA 3 N1 ? ? ? 1_555 B DT 8  N3 ? ? A DA 3 B DT 18 1_555 ? ? ? ? ? ? WATSON-CRICK    ? ? ? 
hydrog8  hydrog ? ? A DA 3 N6 ? ? ? 1_555 B DT 8  O4 ? ? A DA 3 B DT 18 1_555 ? ? ? ? ? ? WATSON-CRICK    ? ? ? 
hydrog9  hydrog ? ? A DC 4 N3 ? ? ? 1_555 B DG 7  N1 ? ? A DC 4 B DG 17 1_555 ? ? ? ? ? ? WATSON-CRICK    ? ? ? 
hydrog10 hydrog ? ? A DC 4 N4 ? ? ? 1_555 B DG 7  O6 ? ? A DC 4 B DG 17 1_555 ? ? ? ? ? ? WATSON-CRICK    ? ? ? 
hydrog11 hydrog ? ? A DC 4 O2 ? ? ? 1_555 B DG 7  N2 ? ? A DC 4 B DG 17 1_555 ? ? ? ? ? ? WATSON-CRICK    ? ? ? 
hydrog12 hydrog ? ? A DC 4 O2 ? ? ? 1_555 B DT 8  N3 ? ? A DC 4 B DT 18 1_555 ? ? ? ? ? ? 'DC-DT MISPAIR' ? ? ? 
hydrog13 hydrog ? ? A DT 5 N3 ? ? ? 1_555 B DA 6  N1 ? ? A DT 5 B DA 16 1_555 ? ? ? ? ? ? WATSON-CRICK    ? ? ? 
hydrog14 hydrog ? ? A DT 5 O4 ? ? ? 1_555 B DA 6  N6 ? ? A DT 5 B DA 16 1_555 ? ? ? ? ? ? WATSON-CRICK    ? ? ? 
hydrog15 hydrog ? ? A DA 6 N1 ? ? ? 1_555 B DT 5  N3 ? ? A DA 6 B DT 15 1_555 ? ? ? ? ? ? WATSON-CRICK    ? ? ? 
hydrog16 hydrog ? ? A DA 6 N6 ? ? ? 1_555 B DT 5  O4 ? ? A DA 6 B DT 15 1_555 ? ? ? ? ? ? WATSON-CRICK    ? ? ? 
hydrog17 hydrog ? ? A DG 7 N1 ? ? ? 1_555 B DC 4  N3 ? ? A DG 7 B DC 14 1_555 ? ? ? ? ? ? WATSON-CRICK    ? ? ? 
hydrog18 hydrog ? ? A DG 7 N2 ? ? ? 1_555 B DC 4  O2 ? ? A DG 7 B DC 14 1_555 ? ? ? ? ? ? WATSON-CRICK    ? ? ? 
hydrog19 hydrog ? ? A DG 7 O6 ? ? ? 1_555 B DC 4  N4 ? ? A DG 7 B DC 14 1_555 ? ? ? ? ? ? WATSON-CRICK    ? ? ? 
hydrog20 hydrog ? ? A DT 8 N3 ? ? ? 1_555 B DA 3  N1 ? ? A DT 8 B DA 13 1_555 ? ? ? ? ? ? WATSON-CRICK    ? ? ? 
hydrog21 hydrog ? ? A DT 8 O4 ? ? ? 1_555 B DA 3  N6 ? ? A DT 8 B DA 13 1_555 ? ? ? ? ? ? WATSON-CRICK    ? ? ? 
hydrog22 hydrog ? ? A DC 9 N3 ? ? ? 1_555 B DG 2  N1 ? ? A DC 9 B DG 12 1_555 ? ? ? ? ? ? WATSON-CRICK    ? ? ? 
hydrog23 hydrog ? ? A DC 9 N4 ? ? ? 1_555 B DG 2  O6 ? ? A DC 9 B DG 12 1_555 ? ? ? ? ? ? WATSON-CRICK    ? ? ? 
hydrog24 hydrog ? ? A DC 9 O2 ? ? ? 1_555 B DG 2  N2 ? ? A DC 9 B DG 12 1_555 ? ? ? ? ? ? WATSON-CRICK    ? ? ? 
# 
_struct_conn_type.id          hydrog 
_struct_conn_type.criteria    ? 
_struct_conn_type.reference   ? 
# 
loop_
_pdbx_validate_rmsd_bond.id 
_pdbx_validate_rmsd_bond.PDB_model_num 
_pdbx_validate_rmsd_bond.auth_atom_id_1 
_pdbx_validate_rmsd_bond.auth_asym_id_1 
_pdbx_validate_rmsd_bond.auth_comp_id_1 
_pdbx_validate_rmsd_bond.auth_seq_id_1 
_pdbx_validate_rmsd_bond.PDB_ins_code_1 
_pdbx_validate_rmsd_bond.label_alt_id_1 
_pdbx_validate_rmsd_bond.auth_atom_id_2 
_pdbx_validate_rmsd_bond.auth_asym_id_2 
_pdbx_validate_rmsd_bond.auth_comp_id_2 
_pdbx_validate_rmsd_bond.auth_seq_id_2 
_pdbx_validate_rmsd_bond.PDB_ins_code_2 
_pdbx_validate_rmsd_bond.label_alt_id_2 
_pdbx_validate_rmsd_bond.bond_value 
_pdbx_validate_rmsd_bond.bond_target_value 
_pdbx_validate_rmsd_bond.bond_deviation 
_pdbx_validate_rmsd_bond.bond_standard_deviation 
_pdbx_validate_rmsd_bond.linker_flag 
1  1 C2 A DC 1  ? ? N3 A DC 1  ? ? 1.443 1.353 0.090  0.008 N 
2  1 N3 A DC 1  ? ? C4 A DC 1  ? ? 1.272 1.335 -0.063 0.007 N 
3  1 C4 A DC 1  ? ? C5 A DC 1  ? ? 1.480 1.425 0.055  0.008 N 
4  1 N3 A DG 2  ? ? C4 A DG 2  ? ? 1.440 1.350 0.090  0.007 N 
5  1 C4 A DG 2  ? ? C5 A DG 2  ? ? 1.330 1.379 -0.049 0.007 N 
6  1 C5 A DG 2  ? ? N7 A DG 2  ? ? 1.437 1.388 0.049  0.006 N 
7  1 N7 A DG 2  ? ? C8 A DG 2  ? ? 1.261 1.305 -0.044 0.006 N 
8  1 C8 A DG 2  ? ? N9 A DG 2  ? ? 1.303 1.374 -0.071 0.007 N 
9  1 N9 A DG 2  ? ? C4 A DG 2  ? ? 1.311 1.375 -0.064 0.008 N 
10 1 C5 A DA 3  ? ? N7 A DA 3  ? ? 1.338 1.388 -0.050 0.006 N 
11 1 N7 A DA 3  ? ? C8 A DA 3  ? ? 1.265 1.311 -0.046 0.007 N 
12 1 C8 A DA 3  ? ? N9 A DA 3  ? ? 1.307 1.373 -0.066 0.008 N 
13 1 C2 A DC 4  ? ? N3 A DC 4  ? ? 1.443 1.353 0.090  0.008 N 
14 1 N3 A DC 4  ? ? C4 A DC 4  ? ? 1.270 1.335 -0.065 0.007 N 
15 1 C4 A DC 4  ? ? C5 A DC 4  ? ? 1.480 1.425 0.055  0.008 N 
16 1 C5 A DA 6  ? ? N7 A DA 6  ? ? 1.338 1.388 -0.050 0.006 N 
17 1 N7 A DA 6  ? ? C8 A DA 6  ? ? 1.268 1.311 -0.043 0.007 N 
18 1 C8 A DA 6  ? ? N9 A DA 6  ? ? 1.308 1.373 -0.065 0.008 N 
19 1 N3 A DG 7  ? ? C4 A DG 7  ? ? 1.440 1.350 0.090  0.007 N 
20 1 C4 A DG 7  ? ? C5 A DG 7  ? ? 1.331 1.379 -0.048 0.007 N 
21 1 C5 A DG 7  ? ? N7 A DG 7  ? ? 1.436 1.388 0.048  0.006 N 
22 1 N7 A DG 7  ? ? C8 A DG 7  ? ? 1.261 1.305 -0.044 0.006 N 
23 1 C8 A DG 7  ? ? N9 A DG 7  ? ? 1.303 1.374 -0.071 0.007 N 
24 1 N9 A DG 7  ? ? C4 A DG 7  ? ? 1.312 1.375 -0.063 0.008 N 
25 1 C2 A DC 9  ? ? N3 A DC 9  ? ? 1.443 1.353 0.090  0.008 N 
26 1 N3 A DC 9  ? ? C4 A DC 9  ? ? 1.271 1.335 -0.064 0.007 N 
27 1 C4 A DC 9  ? ? C5 A DC 9  ? ? 1.479 1.425 0.054  0.008 N 
28 1 N3 A DG 10 ? ? C4 A DG 10 ? ? 1.440 1.350 0.090  0.007 N 
29 1 C4 A DG 10 ? ? C5 A DG 10 ? ? 1.331 1.379 -0.048 0.007 N 
30 1 C5 A DG 10 ? ? N7 A DG 10 ? ? 1.436 1.388 0.048  0.006 N 
31 1 N7 A DG 10 ? ? C8 A DG 10 ? ? 1.262 1.305 -0.043 0.006 N 
32 1 C8 A DG 10 ? ? N9 A DG 10 ? ? 1.305 1.374 -0.069 0.007 N 
33 1 N9 A DG 10 ? ? C4 A DG 10 ? ? 1.311 1.375 -0.064 0.008 N 
34 1 C2 B DC 11 ? ? N3 B DC 11 ? ? 1.444 1.353 0.091  0.008 N 
35 1 N3 B DC 11 ? ? C4 B DC 11 ? ? 1.273 1.335 -0.062 0.007 N 
36 1 C4 B DC 11 ? ? C5 B DC 11 ? ? 1.479 1.425 0.054  0.008 N 
37 1 N3 B DG 12 ? ? C4 B DG 12 ? ? 1.439 1.350 0.089  0.007 N 
38 1 C4 B DG 12 ? ? C5 B DG 12 ? ? 1.330 1.379 -0.049 0.007 N 
39 1 C5 B DG 12 ? ? N7 B DG 12 ? ? 1.436 1.388 0.048  0.006 N 
40 1 N7 B DG 12 ? ? C8 B DG 12 ? ? 1.262 1.305 -0.043 0.006 N 
41 1 C8 B DG 12 ? ? N9 B DG 12 ? ? 1.303 1.374 -0.071 0.007 N 
42 1 N9 B DG 12 ? ? C4 B DG 12 ? ? 1.310 1.375 -0.065 0.008 N 
43 1 C5 B DA 13 ? ? N7 B DA 13 ? ? 1.338 1.388 -0.050 0.006 N 
44 1 N7 B DA 13 ? ? C8 B DA 13 ? ? 1.267 1.311 -0.044 0.007 N 
45 1 C8 B DA 13 ? ? N9 B DA 13 ? ? 1.311 1.373 -0.062 0.008 N 
46 1 C2 B DC 14 ? ? N3 B DC 14 ? ? 1.442 1.353 0.089  0.008 N 
47 1 N3 B DC 14 ? ? C4 B DC 14 ? ? 1.271 1.335 -0.064 0.007 N 
48 1 C4 B DC 14 ? ? C5 B DC 14 ? ? 1.478 1.425 0.053  0.008 N 
49 1 C5 B DA 16 ? ? N7 B DA 16 ? ? 1.338 1.388 -0.050 0.006 N 
50 1 N7 B DA 16 ? ? C8 B DA 16 ? ? 1.268 1.311 -0.043 0.007 N 
51 1 C8 B DA 16 ? ? N9 B DA 16 ? ? 1.309 1.373 -0.064 0.008 N 
52 1 N3 B DG 17 ? ? C4 B DG 17 ? ? 1.440 1.350 0.090  0.007 N 
53 1 C4 B DG 17 ? ? C5 B DG 17 ? ? 1.331 1.379 -0.048 0.007 N 
54 1 C5 B DG 17 ? ? N7 B DG 17 ? ? 1.435 1.388 0.047  0.006 N 
55 1 N7 B DG 17 ? ? C8 B DG 17 ? ? 1.260 1.305 -0.045 0.006 N 
56 1 C8 B DG 17 ? ? N9 B DG 17 ? ? 1.304 1.374 -0.070 0.007 N 
57 1 N9 B DG 17 ? ? C4 B DG 17 ? ? 1.312 1.375 -0.063 0.008 N 
58 1 C2 B DC 19 ? ? N3 B DC 19 ? ? 1.444 1.353 0.091  0.008 N 
59 1 N3 B DC 19 ? ? C4 B DC 19 ? ? 1.273 1.335 -0.062 0.007 N 
60 1 C4 B DC 19 ? ? C5 B DC 19 ? ? 1.477 1.425 0.052  0.008 N 
61 1 N3 B DG 20 ? ? C4 B DG 20 ? ? 1.441 1.350 0.091  0.007 N 
62 1 C4 B DG 20 ? ? C5 B DG 20 ? ? 1.330 1.379 -0.049 0.007 N 
63 1 C5 B DG 20 ? ? N7 B DG 20 ? ? 1.436 1.388 0.048  0.006 N 
64 1 N7 B DG 20 ? ? C8 B DG 20 ? ? 1.261 1.305 -0.044 0.006 N 
65 1 C8 B DG 20 ? ? N9 B DG 20 ? ? 1.305 1.374 -0.069 0.007 N 
66 1 N9 B DG 20 ? ? C4 B DG 20 ? ? 1.310 1.375 -0.065 0.008 N 
# 
loop_
_pdbx_validate_rmsd_angle.id 
_pdbx_validate_rmsd_angle.PDB_model_num 
_pdbx_validate_rmsd_angle.auth_atom_id_1 
_pdbx_validate_rmsd_angle.auth_asym_id_1 
_pdbx_validate_rmsd_angle.auth_comp_id_1 
_pdbx_validate_rmsd_angle.auth_seq_id_1 
_pdbx_validate_rmsd_angle.PDB_ins_code_1 
_pdbx_validate_rmsd_angle.label_alt_id_1 
_pdbx_validate_rmsd_angle.auth_atom_id_2 
_pdbx_validate_rmsd_angle.auth_asym_id_2 
_pdbx_validate_rmsd_angle.auth_comp_id_2 
_pdbx_validate_rmsd_angle.auth_seq_id_2 
_pdbx_validate_rmsd_angle.PDB_ins_code_2 
_pdbx_validate_rmsd_angle.label_alt_id_2 
_pdbx_validate_rmsd_angle.auth_atom_id_3 
_pdbx_validate_rmsd_angle.auth_asym_id_3 
_pdbx_validate_rmsd_angle.auth_comp_id_3 
_pdbx_validate_rmsd_angle.auth_seq_id_3 
_pdbx_validate_rmsd_angle.PDB_ins_code_3 
_pdbx_validate_rmsd_angle.label_alt_id_3 
_pdbx_validate_rmsd_angle.angle_value 
_pdbx_validate_rmsd_angle.angle_target_value 
_pdbx_validate_rmsd_angle.angle_deviation 
_pdbx_validate_rmsd_angle.angle_standard_deviation 
_pdbx_validate_rmsd_angle.linker_flag 
1   1 "O4'" A DC 1  ? ? "C4'" A DC 1  ? ? "C3'" A DC 1  ? ? 100.67 104.50 -3.83  0.40 N 
2   1 "O4'" A DC 1  ? ? "C1'" A DC 1  ? ? N1    A DC 1  ? ? 110.79 108.30 2.49   0.30 N 
3   1 N3    A DC 1  ? ? C4    A DC 1  ? ? C5    A DC 1  ? ? 116.60 121.90 -5.30  0.40 N 
4   1 C4    A DC 1  ? ? C5    A DC 1  ? ? C6    A DC 1  ? ? 121.03 117.40 3.63   0.50 N 
5   1 N1    A DC 1  ? ? C2    A DC 1  ? ? O2    A DC 1  ? ? 123.03 118.90 4.13   0.60 N 
6   1 N3    A DC 1  ? ? C2    A DC 1  ? ? O2    A DC 1  ? ? 116.65 121.90 -5.25  0.70 N 
7   1 N3    A DC 1  ? ? C4    A DC 1  ? ? N4    A DC 1  ? ? 122.44 118.00 4.44   0.70 N 
8   1 OP1   A DG 2  ? ? P     A DG 2  ? ? OP2   A DG 2  ? ? 109.92 119.60 -9.68  1.50 N 
9   1 "O4'" A DG 2  ? ? "C1'" A DG 2  ? ? "C2'" A DG 2  ? ? 100.94 105.90 -4.96  0.80 N 
10  1 "O4'" A DG 2  ? ? "C1'" A DG 2  ? ? N9    A DG 2  ? ? 112.40 108.30 4.10   0.30 N 
11  1 C2    A DG 2  ? ? N3    A DG 2  ? ? C4    A DG 2  ? ? 120.80 111.90 8.90   0.50 N 
12  1 N3    A DG 2  ? ? C4    A DG 2  ? ? C5    A DG 2  ? ? 119.23 128.60 -9.37  0.50 N 
13  1 C5    A DG 2  ? ? C6    A DG 2  ? ? N1    A DG 2  ? ? 115.43 111.50 3.93   0.50 N 
14  1 C4    A DG 2  ? ? C5    A DG 2  ? ? N7    A DG 2  ? ? 101.28 110.80 -9.52  0.40 N 
15  1 C5    A DG 2  ? ? N7    A DG 2  ? ? C8    A DG 2  ? ? 109.18 104.30 4.88   0.50 N 
16  1 N7    A DG 2  ? ? C8    A DG 2  ? ? N9    A DG 2  ? ? 110.02 113.10 -3.08  0.50 N 
17  1 N9    A DG 2  ? ? C4    A DG 2  ? ? C5    A DG 2  ? ? 111.51 105.40 6.11   0.40 N 
18  1 C6    A DG 2  ? ? C5    A DG 2  ? ? N7    A DG 2  ? ? 138.37 130.40 7.97   0.60 N 
19  1 N1    A DG 2  ? ? C6    A DG 2  ? ? O6    A DG 2  ? ? 124.47 119.90 4.57   0.60 N 
20  1 C5    A DG 2  ? ? C6    A DG 2  ? ? O6    A DG 2  ? ? 120.10 128.60 -8.50  0.60 N 
21  1 OP1   A DA 3  ? ? P     A DA 3  ? ? OP2   A DA 3  ? ? 108.84 119.60 -10.76 1.50 N 
22  1 N1    A DA 3  ? ? C2    A DA 3  ? ? N3    A DA 3  ? ? 122.52 129.30 -6.78  0.50 N 
23  1 C2    A DA 3  ? ? N3    A DA 3  ? ? C4    A DA 3  ? ? 118.04 110.60 7.44   0.50 N 
24  1 N3    A DA 3  ? ? C4    A DA 3  ? ? C5    A DA 3  ? ? 119.35 126.80 -7.45  0.70 N 
25  1 C4    A DA 3  ? ? C5    A DA 3  ? ? C6    A DA 3  ? ? 122.94 117.00 5.94   0.50 N 
26  1 C4    A DA 3  ? ? C5    A DA 3  ? ? N7    A DA 3  ? ? 105.64 110.70 -5.06  0.50 N 
27  1 C5    A DA 3  ? ? N7    A DA 3  ? ? C8    A DA 3  ? ? 109.60 103.90 5.70   0.50 N 
28  1 N3    A DA 3  ? ? C4    A DA 3  ? ? N9    A DA 3  ? ? 134.43 127.40 7.03   0.80 N 
29  1 N1    A DA 3  ? ? C6    A DA 3  ? ? N6    A DA 3  ? ? 123.63 118.60 5.03   0.60 N 
30  1 OP1   A DC 4  ? ? P     A DC 4  ? ? OP2   A DC 4  ? ? 109.72 119.60 -9.88  1.50 N 
31  1 "O4'" A DC 4  ? ? "C1'" A DC 4  ? ? "C2'" A DC 4  ? ? 100.76 105.90 -5.14  0.80 N 
32  1 "O4'" A DC 4  ? ? "C1'" A DC 4  ? ? N1    A DC 4  ? ? 112.77 108.30 4.47   0.30 N 
33  1 N3    A DC 4  ? ? C4    A DC 4  ? ? C5    A DC 4  ? ? 116.50 121.90 -5.40  0.40 N 
34  1 C4    A DC 4  ? ? C5    A DC 4  ? ? C6    A DC 4  ? ? 120.95 117.40 3.55   0.50 N 
35  1 N1    A DC 4  ? ? C2    A DC 4  ? ? O2    A DC 4  ? ? 123.47 118.90 4.57   0.60 N 
36  1 N3    A DC 4  ? ? C2    A DC 4  ? ? O2    A DC 4  ? ? 116.02 121.90 -5.88  0.70 N 
37  1 N3    A DC 4  ? ? C4    A DC 4  ? ? N4    A DC 4  ? ? 122.49 118.00 4.49   0.70 N 
38  1 OP1   A DT 5  ? ? P     A DT 5  ? ? OP2   A DT 5  ? ? 109.45 119.60 -10.15 1.50 N 
39  1 "O4'" A DT 5  ? ? "C1'" A DT 5  ? ? N1    A DT 5  ? ? 110.17 108.30 1.87   0.30 N 
40  1 N1    A DT 5  ? ? C2    A DT 5  ? ? N3    A DT 5  ? ? 118.88 114.60 4.28   0.60 N 
41  1 C2    A DT 5  ? ? N3    A DT 5  ? ? C4    A DT 5  ? ? 122.42 127.20 -4.78  0.60 N 
42  1 C5    A DT 5  ? ? C4    A DT 5  ? ? O4    A DT 5  ? ? 119.46 124.90 -5.44  0.70 N 
43  1 OP1   A DA 6  ? ? P     A DA 6  ? ? OP2   A DA 6  ? ? 109.24 119.60 -10.36 1.50 N 
44  1 "O4'" A DA 6  ? ? "C1'" A DA 6  ? ? "C2'" A DA 6  ? ? 100.23 105.90 -5.67  0.80 N 
45  1 "O4'" A DA 6  ? ? "C1'" A DA 6  ? ? N9    A DA 6  ? ? 112.21 108.30 3.91   0.30 N 
46  1 C6    A DA 6  ? ? N1    A DA 6  ? ? C2    A DA 6  ? ? 122.34 118.60 3.74   0.60 N 
47  1 N1    A DA 6  ? ? C2    A DA 6  ? ? N3    A DA 6  ? ? 122.30 129.30 -7.00  0.50 N 
48  1 C2    A DA 6  ? ? N3    A DA 6  ? ? C4    A DA 6  ? ? 117.91 110.60 7.31   0.50 N 
49  1 N3    A DA 6  ? ? C4    A DA 6  ? ? C5    A DA 6  ? ? 120.00 126.80 -6.80  0.70 N 
50  1 C4    A DA 6  ? ? C5    A DA 6  ? ? C6    A DA 6  ? ? 122.38 117.00 5.38   0.50 N 
51  1 C4    A DA 6  ? ? C5    A DA 6  ? ? N7    A DA 6  ? ? 105.36 110.70 -5.34  0.50 N 
52  1 C5    A DA 6  ? ? N7    A DA 6  ? ? C8    A DA 6  ? ? 109.81 103.90 5.91   0.50 N 
53  1 N3    A DA 6  ? ? C4    A DA 6  ? ? N9    A DA 6  ? ? 133.40 127.40 6.00   0.80 N 
54  1 N1    A DA 6  ? ? C6    A DA 6  ? ? N6    A DA 6  ? ? 122.69 118.60 4.09   0.60 N 
55  1 OP1   A DG 7  ? ? P     A DG 7  ? ? OP2   A DG 7  ? ? 109.61 119.60 -9.99  1.50 N 
56  1 "O4'" A DG 7  ? ? "C1'" A DG 7  ? ? "C2'" A DG 7  ? ? 99.89  105.90 -6.01  0.80 N 
57  1 "O4'" A DG 7  ? ? "C1'" A DG 7  ? ? N9    A DG 7  ? ? 114.54 108.30 6.24   0.30 N 
58  1 C2    A DG 7  ? ? N3    A DG 7  ? ? C4    A DG 7  ? ? 120.87 111.90 8.97   0.50 N 
59  1 N3    A DG 7  ? ? C4    A DG 7  ? ? C5    A DG 7  ? ? 119.06 128.60 -9.54  0.50 N 
60  1 C5    A DG 7  ? ? C6    A DG 7  ? ? N1    A DG 7  ? ? 115.53 111.50 4.03   0.50 N 
61  1 C4    A DG 7  ? ? C5    A DG 7  ? ? N7    A DG 7  ? ? 101.35 110.80 -9.45  0.40 N 
62  1 C5    A DG 7  ? ? N7    A DG 7  ? ? C8    A DG 7  ? ? 109.14 104.30 4.84   0.50 N 
63  1 N7    A DG 7  ? ? C8    A DG 7  ? ? N9    A DG 7  ? ? 110.08 113.10 -3.02  0.50 N 
64  1 N9    A DG 7  ? ? C4    A DG 7  ? ? C5    A DG 7  ? ? 111.45 105.40 6.05   0.40 N 
65  1 C6    A DG 7  ? ? C5    A DG 7  ? ? N7    A DG 7  ? ? 138.22 130.40 7.82   0.60 N 
66  1 N1    A DG 7  ? ? C6    A DG 7  ? ? O6    A DG 7  ? ? 124.66 119.90 4.76   0.60 N 
67  1 C5    A DG 7  ? ? C6    A DG 7  ? ? O6    A DG 7  ? ? 119.81 128.60 -8.79  0.60 N 
68  1 "C3'" A DG 7  ? ? "O3'" A DG 7  ? ? P     A DT 8  ? ? 129.36 119.70 9.66   1.20 Y 
69  1 OP1   A DT 8  ? ? P     A DT 8  ? ? OP2   A DT 8  ? ? 108.64 119.60 -10.96 1.50 N 
70  1 P     A DT 8  ? ? "O5'" A DT 8  ? ? "C5'" A DT 8  ? ? 131.53 120.90 10.63  1.60 N 
71  1 "O4'" A DT 8  ? ? "C1'" A DT 8  ? ? "C2'" A DT 8  ? ? 100.18 105.90 -5.72  0.80 N 
72  1 "O4'" A DT 8  ? ? "C1'" A DT 8  ? ? N1    A DT 8  ? ? 113.13 108.30 4.83   0.30 N 
73  1 N1    A DT 8  ? ? C2    A DT 8  ? ? N3    A DT 8  ? ? 119.21 114.60 4.61   0.60 N 
74  1 C2    A DT 8  ? ? N3    A DT 8  ? ? C4    A DT 8  ? ? 121.91 127.20 -5.29  0.60 N 
75  1 C5    A DT 8  ? ? C4    A DT 8  ? ? O4    A DT 8  ? ? 119.17 124.90 -5.73  0.70 N 
76  1 OP1   A DC 9  ? ? P     A DC 9  ? ? OP2   A DC 9  ? ? 109.85 119.60 -9.75  1.50 N 
77  1 N3    A DC 9  ? ? C4    A DC 9  ? ? C5    A DC 9  ? ? 116.64 121.90 -5.26  0.40 N 
78  1 C4    A DC 9  ? ? C5    A DC 9  ? ? C6    A DC 9  ? ? 120.90 117.40 3.50   0.50 N 
79  1 N1    A DC 9  ? ? C2    A DC 9  ? ? O2    A DC 9  ? ? 123.30 118.90 4.40   0.60 N 
80  1 N3    A DC 9  ? ? C2    A DC 9  ? ? O2    A DC 9  ? ? 116.42 121.90 -5.48  0.70 N 
81  1 N3    A DC 9  ? ? C4    A DC 9  ? ? N4    A DC 9  ? ? 122.43 118.00 4.43   0.70 N 
82  1 OP1   A DG 10 ? ? P     A DG 10 ? ? OP2   A DG 10 ? ? 109.16 119.60 -10.44 1.50 N 
83  1 "O4'" A DG 10 ? ? "C1'" A DG 10 ? ? "C2'" A DG 10 ? ? 100.09 105.90 -5.81  0.80 N 
84  1 "O4'" A DG 10 ? ? "C1'" A DG 10 ? ? N9    A DG 10 ? ? 112.05 108.30 3.75   0.30 N 
85  1 C2    A DG 10 ? ? N3    A DG 10 ? ? C4    A DG 10 ? ? 120.95 111.90 9.05   0.50 N 
86  1 N3    A DG 10 ? ? C4    A DG 10 ? ? C5    A DG 10 ? ? 118.98 128.60 -9.62  0.50 N 
87  1 C5    A DG 10 ? ? C6    A DG 10 ? ? N1    A DG 10 ? ? 115.55 111.50 4.05   0.50 N 
88  1 C4    A DG 10 ? ? C5    A DG 10 ? ? N7    A DG 10 ? ? 101.07 110.80 -9.73  0.40 N 
89  1 C5    A DG 10 ? ? N7    A DG 10 ? ? C8    A DG 10 ? ? 109.37 104.30 5.07   0.50 N 
90  1 N7    A DG 10 ? ? C8    A DG 10 ? ? N9    A DG 10 ? ? 109.99 113.10 -3.11  0.50 N 
91  1 N9    A DG 10 ? ? C4    A DG 10 ? ? C5    A DG 10 ? ? 111.77 105.40 6.37   0.40 N 
92  1 C6    A DG 10 ? ? C5    A DG 10 ? ? N7    A DG 10 ? ? 138.51 130.40 8.11   0.60 N 
93  1 N1    A DG 10 ? ? C6    A DG 10 ? ? O6    A DG 10 ? ? 124.24 119.90 4.34   0.60 N 
94  1 C5    A DG 10 ? ? C6    A DG 10 ? ? O6    A DG 10 ? ? 120.20 128.60 -8.40  0.60 N 
95  1 N3    B DC 11 ? ? C4    B DC 11 ? ? C5    B DC 11 ? ? 116.62 121.90 -5.28  0.40 N 
96  1 C4    B DC 11 ? ? C5    B DC 11 ? ? C6    B DC 11 ? ? 120.92 117.40 3.52   0.50 N 
97  1 N1    B DC 11 ? ? C2    B DC 11 ? ? O2    B DC 11 ? ? 123.00 118.90 4.10   0.60 N 
98  1 N3    B DC 11 ? ? C2    B DC 11 ? ? O2    B DC 11 ? ? 116.69 121.90 -5.21  0.70 N 
99  1 N3    B DC 11 ? ? C4    B DC 11 ? ? N4    B DC 11 ? ? 122.78 118.00 4.78   0.70 N 
100 1 OP1   B DG 12 ? ? P     B DG 12 ? ? OP2   B DG 12 ? ? 109.74 119.60 -9.86  1.50 N 
101 1 "O4'" B DG 12 ? ? "C1'" B DG 12 ? ? N9    B DG 12 ? ? 113.02 108.30 4.72   0.30 N 
102 1 C2    B DG 12 ? ? N3    B DG 12 ? ? C4    B DG 12 ? ? 120.95 111.90 9.05   0.50 N 
103 1 N3    B DG 12 ? ? C4    B DG 12 ? ? C5    B DG 12 ? ? 119.28 128.60 -9.32  0.50 N 
104 1 C5    B DG 12 ? ? C6    B DG 12 ? ? N1    B DG 12 ? ? 115.46 111.50 3.96   0.50 N 
105 1 C4    B DG 12 ? ? C5    B DG 12 ? ? N7    B DG 12 ? ? 101.18 110.80 -9.62  0.40 N 
106 1 C5    B DG 12 ? ? N7    B DG 12 ? ? C8    B DG 12 ? ? 109.30 104.30 5.00   0.50 N 
107 1 N7    B DG 12 ? ? C8    B DG 12 ? ? N9    B DG 12 ? ? 109.90 113.10 -3.20  0.50 N 
108 1 N9    B DG 12 ? ? C4    B DG 12 ? ? C5    B DG 12 ? ? 111.65 105.40 6.25   0.40 N 
109 1 C6    B DG 12 ? ? C5    B DG 12 ? ? N7    B DG 12 ? ? 138.66 130.40 8.26   0.60 N 
110 1 N1    B DG 12 ? ? C6    B DG 12 ? ? O6    B DG 12 ? ? 124.42 119.90 4.52   0.60 N 
111 1 C5    B DG 12 ? ? C6    B DG 12 ? ? O6    B DG 12 ? ? 120.12 128.60 -8.48  0.60 N 
112 1 "C3'" B DG 12 ? ? "O3'" B DG 12 ? ? P     B DA 13 ? ? 130.50 119.70 10.80  1.20 Y 
113 1 OP1   B DA 13 ? ? P     B DA 13 ? ? OP2   B DA 13 ? ? 109.13 119.60 -10.47 1.50 N 
114 1 "O4'" B DA 13 ? ? "C4'" B DA 13 ? ? "C3'" B DA 13 ? ? 101.50 104.50 -3.00  0.40 N 
115 1 "O4'" B DA 13 ? ? "C1'" B DA 13 ? ? N9    B DA 13 ? ? 111.08 108.30 2.78   0.30 N 
116 1 N1    B DA 13 ? ? C2    B DA 13 ? ? N3    B DA 13 ? ? 122.42 129.30 -6.88  0.50 N 
117 1 C2    B DA 13 ? ? N3    B DA 13 ? ? C4    B DA 13 ? ? 118.19 110.60 7.59   0.50 N 
118 1 N3    B DA 13 ? ? C4    B DA 13 ? ? C5    B DA 13 ? ? 119.34 126.80 -7.46  0.70 N 
119 1 C4    B DA 13 ? ? C5    B DA 13 ? ? C6    B DA 13 ? ? 122.85 117.00 5.85   0.50 N 
120 1 C4    B DA 13 ? ? C5    B DA 13 ? ? N7    B DA 13 ? ? 105.07 110.70 -5.63  0.50 N 
121 1 C5    B DA 13 ? ? N7    B DA 13 ? ? C8    B DA 13 ? ? 109.94 103.90 6.04   0.50 N 
122 1 N3    B DA 13 ? ? C4    B DA 13 ? ? N9    B DA 13 ? ? 133.54 127.40 6.14   0.80 N 
123 1 N1    B DA 13 ? ? C6    B DA 13 ? ? N6    B DA 13 ? ? 122.77 118.60 4.17   0.60 N 
124 1 "C3'" B DA 13 ? ? "O3'" B DA 13 ? ? P     B DC 14 ? ? 130.40 119.70 10.70  1.20 Y 
125 1 OP1   B DC 14 ? ? P     B DC 14 ? ? OP2   B DC 14 ? ? 108.08 119.60 -11.52 1.50 N 
126 1 N3    B DC 14 ? ? C4    B DC 14 ? ? C5    B DC 14 ? ? 116.50 121.90 -5.40  0.40 N 
127 1 C4    B DC 14 ? ? C5    B DC 14 ? ? C6    B DC 14 ? ? 121.26 117.40 3.86   0.50 N 
128 1 N1    B DC 14 ? ? C2    B DC 14 ? ? O2    B DC 14 ? ? 122.75 118.90 3.85   0.60 N 
129 1 N3    B DC 14 ? ? C2    B DC 14 ? ? O2    B DC 14 ? ? 116.62 121.90 -5.28  0.70 N 
130 1 N3    B DC 14 ? ? C4    B DC 14 ? ? N4    B DC 14 ? ? 122.54 118.00 4.54   0.70 N 
131 1 "C3'" B DC 14 ? ? "O3'" B DC 14 ? ? P     B DT 15 ? ? 133.80 119.70 14.10  1.20 Y 
132 1 OP1   B DT 15 ? ? P     B DT 15 ? ? OP2   B DT 15 ? ? 110.48 119.60 -9.12  1.50 N 
133 1 N1    B DT 15 ? ? C2    B DT 15 ? ? N3    B DT 15 ? ? 119.07 114.60 4.47   0.60 N 
134 1 C2    B DT 15 ? ? N3    B DT 15 ? ? C4    B DT 15 ? ? 122.57 127.20 -4.63  0.60 N 
135 1 C5    B DT 15 ? ? C4    B DT 15 ? ? O4    B DT 15 ? ? 119.96 124.90 -4.94  0.70 N 
136 1 OP1   B DA 16 ? ? P     B DA 16 ? ? OP2   B DA 16 ? ? 109.36 119.60 -10.24 1.50 N 
137 1 "O4'" B DA 16 ? ? "C1'" B DA 16 ? ? "C2'" B DA 16 ? ? 99.92  105.90 -5.98  0.80 N 
138 1 "O4'" B DA 16 ? ? "C1'" B DA 16 ? ? N9    B DA 16 ? ? 111.49 108.30 3.19   0.30 N 
139 1 C6    B DA 16 ? ? N1    B DA 16 ? ? C2    B DA 16 ? ? 122.23 118.60 3.63   0.60 N 
140 1 N1    B DA 16 ? ? C2    B DA 16 ? ? N3    B DA 16 ? ? 122.26 129.30 -7.04  0.50 N 
141 1 C2    B DA 16 ? ? N3    B DA 16 ? ? C4    B DA 16 ? ? 118.04 110.60 7.44   0.50 N 
142 1 N3    B DA 16 ? ? C4    B DA 16 ? ? C5    B DA 16 ? ? 119.92 126.80 -6.88  0.70 N 
143 1 C4    B DA 16 ? ? C5    B DA 16 ? ? C6    B DA 16 ? ? 122.31 117.00 5.31   0.50 N 
144 1 C4    B DA 16 ? ? C5    B DA 16 ? ? N7    B DA 16 ? ? 105.23 110.70 -5.47  0.50 N 
145 1 C5    B DA 16 ? ? N7    B DA 16 ? ? C8    B DA 16 ? ? 109.87 103.90 5.97   0.50 N 
146 1 N3    B DA 16 ? ? C4    B DA 16 ? ? N9    B DA 16 ? ? 133.31 127.40 5.91   0.80 N 
147 1 N1    B DA 16 ? ? C6    B DA 16 ? ? N6    B DA 16 ? ? 122.60 118.60 4.00   0.60 N 
148 1 "C3'" B DA 16 ? ? "O3'" B DA 16 ? ? P     B DG 17 ? ? 128.76 119.70 9.06   1.20 Y 
149 1 OP1   B DG 17 ? ? P     B DG 17 ? ? OP2   B DG 17 ? ? 109.77 119.60 -9.83  1.50 N 
150 1 C2    B DG 17 ? ? N3    B DG 17 ? ? C4    B DG 17 ? ? 120.78 111.90 8.88   0.50 N 
151 1 N3    B DG 17 ? ? C4    B DG 17 ? ? C5    B DG 17 ? ? 118.96 128.60 -9.64  0.50 N 
152 1 C5    B DG 17 ? ? C6    B DG 17 ? ? N1    B DG 17 ? ? 115.12 111.50 3.62   0.50 N 
153 1 C4    B DG 17 ? ? C5    B DG 17 ? ? N7    B DG 17 ? ? 101.44 110.80 -9.36  0.40 N 
154 1 C5    B DG 17 ? ? N7    B DG 17 ? ? C8    B DG 17 ? ? 109.08 104.30 4.78   0.50 N 
155 1 N9    B DG 17 ? ? C4    B DG 17 ? ? C5    B DG 17 ? ? 111.45 105.40 6.05   0.40 N 
156 1 C6    B DG 17 ? ? C5    B DG 17 ? ? N7    B DG 17 ? ? 137.82 130.40 7.42   0.60 N 
157 1 N1    B DG 17 ? ? C6    B DG 17 ? ? O6    B DG 17 ? ? 124.60 119.90 4.70   0.60 N 
158 1 C5    B DG 17 ? ? C6    B DG 17 ? ? O6    B DG 17 ? ? 120.28 128.60 -8.32  0.60 N 
159 1 OP1   B DT 18 ? ? P     B DT 18 ? ? OP2   B DT 18 ? ? 109.73 119.60 -9.87  1.50 N 
160 1 "O4'" B DT 18 ? ? "C1'" B DT 18 ? ? "C2'" B DT 18 ? ? 100.95 105.90 -4.95  0.80 N 
161 1 N1    B DT 18 ? ? C2    B DT 18 ? ? N3    B DT 18 ? ? 119.26 114.60 4.66   0.60 N 
162 1 C2    B DT 18 ? ? N3    B DT 18 ? ? C4    B DT 18 ? ? 122.14 127.20 -5.06  0.60 N 
163 1 C5    B DT 18 ? ? C4    B DT 18 ? ? O4    B DT 18 ? ? 119.05 124.90 -5.85  0.70 N 
164 1 OP1   B DC 19 ? ? P     B DC 19 ? ? OP2   B DC 19 ? ? 109.18 119.60 -10.42 1.50 N 
165 1 N3    B DC 19 ? ? C4    B DC 19 ? ? C5    B DC 19 ? ? 116.75 121.90 -5.15  0.40 N 
166 1 C4    B DC 19 ? ? C5    B DC 19 ? ? C6    B DC 19 ? ? 120.58 117.40 3.18   0.50 N 
167 1 N1    B DC 19 ? ? C2    B DC 19 ? ? O2    B DC 19 ? ? 123.05 118.90 4.15   0.60 N 
168 1 N3    B DC 19 ? ? C2    B DC 19 ? ? O2    B DC 19 ? ? 116.81 121.90 -5.09  0.70 N 
169 1 N3    B DC 19 ? ? C4    B DC 19 ? ? N4    B DC 19 ? ? 122.77 118.00 4.77   0.70 N 
170 1 OP1   B DG 20 ? ? P     B DG 20 ? ? OP2   B DG 20 ? ? 109.19 119.60 -10.41 1.50 N 
171 1 "O4'" B DG 20 ? ? "C1'" B DG 20 ? ? "C2'" B DG 20 ? ? 99.97  105.90 -5.93  0.80 N 
172 1 "O4'" B DG 20 ? ? "C1'" B DG 20 ? ? N9    B DG 20 ? ? 112.29 108.30 3.99   0.30 N 
173 1 C2    B DG 20 ? ? N3    B DG 20 ? ? C4    B DG 20 ? ? 120.96 111.90 9.06   0.50 N 
174 1 N3    B DG 20 ? ? C4    B DG 20 ? ? C5    B DG 20 ? ? 119.02 128.60 -9.58  0.50 N 
175 1 C5    B DG 20 ? ? C6    B DG 20 ? ? N1    B DG 20 ? ? 115.38 111.50 3.88   0.50 N 
176 1 C4    B DG 20 ? ? C5    B DG 20 ? ? N7    B DG 20 ? ? 100.97 110.80 -9.83  0.40 N 
177 1 C5    B DG 20 ? ? N7    B DG 20 ? ? C8    B DG 20 ? ? 109.40 104.30 5.10   0.50 N 
178 1 N7    B DG 20 ? ? C8    B DG 20 ? ? N9    B DG 20 ? ? 109.99 113.10 -3.11  0.50 N 
179 1 N9    B DG 20 ? ? C4    B DG 20 ? ? C5    B DG 20 ? ? 111.92 105.40 6.52   0.40 N 
180 1 C6    B DG 20 ? ? C5    B DG 20 ? ? N7    B DG 20 ? ? 138.59 130.40 8.19   0.60 N 
181 1 N1    B DG 20 ? ? C6    B DG 20 ? ? O6    B DG 20 ? ? 124.31 119.90 4.41   0.60 N 
182 1 C5    B DG 20 ? ? C6    B DG 20 ? ? O6    B DG 20 ? ? 120.31 128.60 -8.29  0.60 N 
# 
_pdbx_nmr_ensemble.average_constraint_violations_per_residue     ? 
_pdbx_nmr_ensemble.average_constraints_per_residue               ? 
_pdbx_nmr_ensemble.average_distance_constraint_violation         ? 
_pdbx_nmr_ensemble.average_torsion_angle_constraint_violation    ? 
_pdbx_nmr_ensemble.conformer_selection_criteria                  'structures with the least restraint violations' 
_pdbx_nmr_ensemble.conformers_calculated_total_number            1 
_pdbx_nmr_ensemble.conformers_submitted_total_number             1 
_pdbx_nmr_ensemble.distance_constraint_violation_method          ? 
_pdbx_nmr_ensemble.entry_id                                      2MNF 
_pdbx_nmr_ensemble.maximum_distance_constraint_violation         ? 
_pdbx_nmr_ensemble.maximum_lower_distance_constraint_violation   ? 
_pdbx_nmr_ensemble.maximum_torsion_angle_constraint_violation    ? 
_pdbx_nmr_ensemble.maximum_upper_distance_constraint_violation   ? 
_pdbx_nmr_ensemble.torsion_angle_constraint_violation_method     ? 
# 
_pdbx_nmr_representative.conformer_id         1 
_pdbx_nmr_representative.entry_id             2MNF 
_pdbx_nmr_representative.selection_criteria   'minimized average structure' 
# 
_pdbx_nmr_sample_details.contents         
;2 mM 5'-D(*CP*GP*AP*CP*TP*AP*GP*TP*CP*G)-3', 90% H2O/10% D2O
;
_pdbx_nmr_sample_details.solution_id      1 
_pdbx_nmr_sample_details.solvent_system   '90% H2O/10% D2O' 
# 
_pdbx_nmr_exptl_sample.component             "5'-D(*CP*GP*AP*CP*TP*AP*GP*TP*CP*G)-3'-1" 
_pdbx_nmr_exptl_sample.concentration         2 
_pdbx_nmr_exptl_sample.concentration_range   ? 
_pdbx_nmr_exptl_sample.concentration_units   mM 
_pdbx_nmr_exptl_sample.isotopic_labeling     ? 
_pdbx_nmr_exptl_sample.solution_id           1 
# 
_pdbx_nmr_exptl_sample_conditions.conditions_id       1 
_pdbx_nmr_exptl_sample_conditions.ionic_strength      0.05 
_pdbx_nmr_exptl_sample_conditions.pH                  7.4 
_pdbx_nmr_exptl_sample_conditions.pressure            ambient 
_pdbx_nmr_exptl_sample_conditions.pressure_units      ? 
_pdbx_nmr_exptl_sample_conditions.temperature         298 
_pdbx_nmr_exptl_sample_conditions.temperature_units   K 
# 
loop_
_pdbx_nmr_exptl.conditions_id 
_pdbx_nmr_exptl.experiment_id 
_pdbx_nmr_exptl.solution_id 
_pdbx_nmr_exptl.type 
1 1 1 '2D 1H-1H TOCSY' 
1 2 1 '2D 1H-1H COSY'  
1 3 1 '2D 1H-1H NOESY' 
# 
_pdbx_nmr_constraints.disulfide_bond_constraints_total_count        ? 
_pdbx_nmr_constraints.entry_id                                      2MNF 
_pdbx_nmr_constraints.hydrogen_bond_constraints_total_count         ? 
_pdbx_nmr_constraints.NA_alpha-angle_constraints_total_count        ? 
_pdbx_nmr_constraints.NA_beta-angle_constraints_total_count         ? 
_pdbx_nmr_constraints.NA_chi-angle_constraints_total_count          ? 
_pdbx_nmr_constraints.NA_delta-angle_constraints_total_count        ? 
_pdbx_nmr_constraints.NA_epsilon-angle_constraints_total_count      ? 
_pdbx_nmr_constraints.NA_gamma-angle_constraints_total_count        ? 
_pdbx_nmr_constraints.NA_other-angle_constraints_total_count        ? 
_pdbx_nmr_constraints.NA_sugar_pucker_constraints_total_count       ? 
_pdbx_nmr_constraints.NOE_constraints_total                         391 
_pdbx_nmr_constraints.NOE_interentity_total_count                   ? 
_pdbx_nmr_constraints.NOE_interproton_distance_evaluation           ? 
_pdbx_nmr_constraints.NOE_intraresidue_total_count                  265 
_pdbx_nmr_constraints.NOE_long_range_total_count                    ? 
_pdbx_nmr_constraints.NOE_medium_range_total_count                  ? 
_pdbx_nmr_constraints.NOE_motional_averaging_correction             ? 
_pdbx_nmr_constraints.NOE_pseudoatom_corrections                    ? 
_pdbx_nmr_constraints.NOE_sequential_total_count                    126 
_pdbx_nmr_constraints.protein_chi_angle_constraints_total_count     ? 
_pdbx_nmr_constraints.protein_other_angle_constraints_total_count   ? 
_pdbx_nmr_constraints.protein_phi_angle_constraints_total_count     ? 
_pdbx_nmr_constraints.protein_psi_angle_constraints_total_count     ? 
# 
_pdbx_nmr_refine.entry_id           2MNF 
_pdbx_nmr_refine.method             'molecular dynamics' 
_pdbx_nmr_refine.details            ? 
_pdbx_nmr_refine.software_ordinal   1 
# 
loop_
_pdbx_nmr_software.authors 
_pdbx_nmr_software.classification 
_pdbx_nmr_software.name 
_pdbx_nmr_software.version 
_pdbx_nmr_software.ordinal 
'Bruker Biospin'                                                            collection                             TopSpin   ? 1  
'Bruker Biospin'                                                            processing                             TopSpin   ? 2  
Goddard                                                                     'chemical shift assignment'            Sparky    ? 3  
Goddard                                                                     'data analysis'                        Sparky    ? 4  
Goddard                                                                     'peak picking'                         Sparky    ? 5  
Tripos                                                                      'geometry optimization'                SYBYL     ? 6  
Tripos                                                                      'structure building'                   SYBYL     ? 7  
Tripos                                                                      'structure solution'                   SYBYL     ? 8  
Tripos                                                                      'noe to distance restraint conversion' MARDIGRAS ? 9  
'Case, Darden, Cheatham, III, Simmerling, Wang, Duke, Luo, ... and Kollman' 'structure solution'                   Amber     ? 10 
'Case, Darden, Cheatham, III, Simmerling, Wang, Duke, Luo, ... and Kollman' 'geometry optimization'                Amber     ? 11 
'Case, Darden, Cheatham, III, Simmerling, Wang, Duke, Luo, ... and Kollman' 'data analysis'                        Amber     ? 12 
'Case, Darden, Cheatham, III, Simmerling, Wang, Duke, Luo, ... and Kollman' refinement                             Amber     ? 13 
# 
loop_
_chem_comp_atom.comp_id 
_chem_comp_atom.atom_id 
_chem_comp_atom.type_symbol 
_chem_comp_atom.pdbx_aromatic_flag 
_chem_comp_atom.pdbx_stereo_config 
_chem_comp_atom.pdbx_ordinal 
DA OP3    O N N 1   
DA P      P N N 2   
DA OP1    O N N 3   
DA OP2    O N N 4   
DA "O5'"  O N N 5   
DA "C5'"  C N N 6   
DA "C4'"  C N R 7   
DA "O4'"  O N N 8   
DA "C3'"  C N S 9   
DA "O3'"  O N N 10  
DA "C2'"  C N N 11  
DA "C1'"  C N R 12  
DA N9     N Y N 13  
DA C8     C Y N 14  
DA N7     N Y N 15  
DA C5     C Y N 16  
DA C6     C Y N 17  
DA N6     N N N 18  
DA N1     N Y N 19  
DA C2     C Y N 20  
DA N3     N Y N 21  
DA C4     C Y N 22  
DA HOP3   H N N 23  
DA HOP2   H N N 24  
DA "H5'"  H N N 25  
DA "H5''" H N N 26  
DA "H4'"  H N N 27  
DA "H3'"  H N N 28  
DA "HO3'" H N N 29  
DA "H2'"  H N N 30  
DA "H2''" H N N 31  
DA "H1'"  H N N 32  
DA H8     H N N 33  
DA H61    H N N 34  
DA H62    H N N 35  
DA H2     H N N 36  
DC OP3    O N N 37  
DC P      P N N 38  
DC OP1    O N N 39  
DC OP2    O N N 40  
DC "O5'"  O N N 41  
DC "C5'"  C N N 42  
DC "C4'"  C N R 43  
DC "O4'"  O N N 44  
DC "C3'"  C N S 45  
DC "O3'"  O N N 46  
DC "C2'"  C N N 47  
DC "C1'"  C N R 48  
DC N1     N N N 49  
DC C2     C N N 50  
DC O2     O N N 51  
DC N3     N N N 52  
DC C4     C N N 53  
DC N4     N N N 54  
DC C5     C N N 55  
DC C6     C N N 56  
DC HOP3   H N N 57  
DC HOP2   H N N 58  
DC "H5'"  H N N 59  
DC "H5''" H N N 60  
DC "H4'"  H N N 61  
DC "H3'"  H N N 62  
DC "HO3'" H N N 63  
DC "H2'"  H N N 64  
DC "H2''" H N N 65  
DC "H1'"  H N N 66  
DC H41    H N N 67  
DC H42    H N N 68  
DC H5     H N N 69  
DC H6     H N N 70  
DG OP3    O N N 71  
DG P      P N N 72  
DG OP1    O N N 73  
DG OP2    O N N 74  
DG "O5'"  O N N 75  
DG "C5'"  C N N 76  
DG "C4'"  C N R 77  
DG "O4'"  O N N 78  
DG "C3'"  C N S 79  
DG "O3'"  O N N 80  
DG "C2'"  C N N 81  
DG "C1'"  C N R 82  
DG N9     N Y N 83  
DG C8     C Y N 84  
DG N7     N Y N 85  
DG C5     C Y N 86  
DG C6     C N N 87  
DG O6     O N N 88  
DG N1     N N N 89  
DG C2     C N N 90  
DG N2     N N N 91  
DG N3     N N N 92  
DG C4     C Y N 93  
DG HOP3   H N N 94  
DG HOP2   H N N 95  
DG "H5'"  H N N 96  
DG "H5''" H N N 97  
DG "H4'"  H N N 98  
DG "H3'"  H N N 99  
DG "HO3'" H N N 100 
DG "H2'"  H N N 101 
DG "H2''" H N N 102 
DG "H1'"  H N N 103 
DG H8     H N N 104 
DG H1     H N N 105 
DG H21    H N N 106 
DG H22    H N N 107 
DT OP3    O N N 108 
DT P      P N N 109 
DT OP1    O N N 110 
DT OP2    O N N 111 
DT "O5'"  O N N 112 
DT "C5'"  C N N 113 
DT "C4'"  C N R 114 
DT "O4'"  O N N 115 
DT "C3'"  C N S 116 
DT "O3'"  O N N 117 
DT "C2'"  C N N 118 
DT "C1'"  C N R 119 
DT N1     N N N 120 
DT C2     C N N 121 
DT O2     O N N 122 
DT N3     N N N 123 
DT C4     C N N 124 
DT O4     O N N 125 
DT C5     C N N 126 
DT C7     C N N 127 
DT C6     C N N 128 
DT HOP3   H N N 129 
DT HOP2   H N N 130 
DT "H5'"  H N N 131 
DT "H5''" H N N 132 
DT "H4'"  H N N 133 
DT "H3'"  H N N 134 
DT "HO3'" H N N 135 
DT "H2'"  H N N 136 
DT "H2''" H N N 137 
DT "H1'"  H N N 138 
DT H3     H N N 139 
DT H71    H N N 140 
DT H72    H N N 141 
DT H73    H N N 142 
DT H6     H N N 143 
# 
loop_
_chem_comp_bond.comp_id 
_chem_comp_bond.atom_id_1 
_chem_comp_bond.atom_id_2 
_chem_comp_bond.value_order 
_chem_comp_bond.pdbx_aromatic_flag 
_chem_comp_bond.pdbx_stereo_config 
_chem_comp_bond.pdbx_ordinal 
DA OP3   P      sing N N 1   
DA OP3   HOP3   sing N N 2   
DA P     OP1    doub N N 3   
DA P     OP2    sing N N 4   
DA P     "O5'"  sing N N 5   
DA OP2   HOP2   sing N N 6   
DA "O5'" "C5'"  sing N N 7   
DA "C5'" "C4'"  sing N N 8   
DA "C5'" "H5'"  sing N N 9   
DA "C5'" "H5''" sing N N 10  
DA "C4'" "O4'"  sing N N 11  
DA "C4'" "C3'"  sing N N 12  
DA "C4'" "H4'"  sing N N 13  
DA "O4'" "C1'"  sing N N 14  
DA "C3'" "O3'"  sing N N 15  
DA "C3'" "C2'"  sing N N 16  
DA "C3'" "H3'"  sing N N 17  
DA "O3'" "HO3'" sing N N 18  
DA "C2'" "C1'"  sing N N 19  
DA "C2'" "H2'"  sing N N 20  
DA "C2'" "H2''" sing N N 21  
DA "C1'" N9     sing N N 22  
DA "C1'" "H1'"  sing N N 23  
DA N9    C8     sing Y N 24  
DA N9    C4     sing Y N 25  
DA C8    N7     doub Y N 26  
DA C8    H8     sing N N 27  
DA N7    C5     sing Y N 28  
DA C5    C6     sing Y N 29  
DA C5    C4     doub Y N 30  
DA C6    N6     sing N N 31  
DA C6    N1     doub Y N 32  
DA N6    H61    sing N N 33  
DA N6    H62    sing N N 34  
DA N1    C2     sing Y N 35  
DA C2    N3     doub Y N 36  
DA C2    H2     sing N N 37  
DA N3    C4     sing Y N 38  
DC OP3   P      sing N N 39  
DC OP3   HOP3   sing N N 40  
DC P     OP1    doub N N 41  
DC P     OP2    sing N N 42  
DC P     "O5'"  sing N N 43  
DC OP2   HOP2   sing N N 44  
DC "O5'" "C5'"  sing N N 45  
DC "C5'" "C4'"  sing N N 46  
DC "C5'" "H5'"  sing N N 47  
DC "C5'" "H5''" sing N N 48  
DC "C4'" "O4'"  sing N N 49  
DC "C4'" "C3'"  sing N N 50  
DC "C4'" "H4'"  sing N N 51  
DC "O4'" "C1'"  sing N N 52  
DC "C3'" "O3'"  sing N N 53  
DC "C3'" "C2'"  sing N N 54  
DC "C3'" "H3'"  sing N N 55  
DC "O3'" "HO3'" sing N N 56  
DC "C2'" "C1'"  sing N N 57  
DC "C2'" "H2'"  sing N N 58  
DC "C2'" "H2''" sing N N 59  
DC "C1'" N1     sing N N 60  
DC "C1'" "H1'"  sing N N 61  
DC N1    C2     sing N N 62  
DC N1    C6     sing N N 63  
DC C2    O2     doub N N 64  
DC C2    N3     sing N N 65  
DC N3    C4     doub N N 66  
DC C4    N4     sing N N 67  
DC C4    C5     sing N N 68  
DC N4    H41    sing N N 69  
DC N4    H42    sing N N 70  
DC C5    C6     doub N N 71  
DC C5    H5     sing N N 72  
DC C6    H6     sing N N 73  
DG OP3   P      sing N N 74  
DG OP3   HOP3   sing N N 75  
DG P     OP1    doub N N 76  
DG P     OP2    sing N N 77  
DG P     "O5'"  sing N N 78  
DG OP2   HOP2   sing N N 79  
DG "O5'" "C5'"  sing N N 80  
DG "C5'" "C4'"  sing N N 81  
DG "C5'" "H5'"  sing N N 82  
DG "C5'" "H5''" sing N N 83  
DG "C4'" "O4'"  sing N N 84  
DG "C4'" "C3'"  sing N N 85  
DG "C4'" "H4'"  sing N N 86  
DG "O4'" "C1'"  sing N N 87  
DG "C3'" "O3'"  sing N N 88  
DG "C3'" "C2'"  sing N N 89  
DG "C3'" "H3'"  sing N N 90  
DG "O3'" "HO3'" sing N N 91  
DG "C2'" "C1'"  sing N N 92  
DG "C2'" "H2'"  sing N N 93  
DG "C2'" "H2''" sing N N 94  
DG "C1'" N9     sing N N 95  
DG "C1'" "H1'"  sing N N 96  
DG N9    C8     sing Y N 97  
DG N9    C4     sing Y N 98  
DG C8    N7     doub Y N 99  
DG C8    H8     sing N N 100 
DG N7    C5     sing Y N 101 
DG C5    C6     sing N N 102 
DG C5    C4     doub Y N 103 
DG C6    O6     doub N N 104 
DG C6    N1     sing N N 105 
DG N1    C2     sing N N 106 
DG N1    H1     sing N N 107 
DG C2    N2     sing N N 108 
DG C2    N3     doub N N 109 
DG N2    H21    sing N N 110 
DG N2    H22    sing N N 111 
DG N3    C4     sing N N 112 
DT OP3   P      sing N N 113 
DT OP3   HOP3   sing N N 114 
DT P     OP1    doub N N 115 
DT P     OP2    sing N N 116 
DT P     "O5'"  sing N N 117 
DT OP2   HOP2   sing N N 118 
DT "O5'" "C5'"  sing N N 119 
DT "C5'" "C4'"  sing N N 120 
DT "C5'" "H5'"  sing N N 121 
DT "C5'" "H5''" sing N N 122 
DT "C4'" "O4'"  sing N N 123 
DT "C4'" "C3'"  sing N N 124 
DT "C4'" "H4'"  sing N N 125 
DT "O4'" "C1'"  sing N N 126 
DT "C3'" "O3'"  sing N N 127 
DT "C3'" "C2'"  sing N N 128 
DT "C3'" "H3'"  sing N N 129 
DT "O3'" "HO3'" sing N N 130 
DT "C2'" "C1'"  sing N N 131 
DT "C2'" "H2'"  sing N N 132 
DT "C2'" "H2''" sing N N 133 
DT "C1'" N1     sing N N 134 
DT "C1'" "H1'"  sing N N 135 
DT N1    C2     sing N N 136 
DT N1    C6     sing N N 137 
DT C2    O2     doub N N 138 
DT C2    N3     sing N N 139 
DT N3    C4     sing N N 140 
DT N3    H3     sing N N 141 
DT C4    O4     doub N N 142 
DT C4    C5     sing N N 143 
DT C5    C7     sing N N 144 
DT C5    C6     doub N N 145 
DT C7    H71    sing N N 146 
DT C7    H72    sing N N 147 
DT C7    H73    sing N N 148 
DT C6    H6     sing N N 149 
# 
loop_
_ndb_struct_conf_na.entry_id 
_ndb_struct_conf_na.feature 
2MNF 'double helix'        
2MNF 'b-form double helix' 
# 
loop_
_ndb_struct_na_base_pair.model_number 
_ndb_struct_na_base_pair.i_label_asym_id 
_ndb_struct_na_base_pair.i_label_comp_id 
_ndb_struct_na_base_pair.i_label_seq_id 
_ndb_struct_na_base_pair.i_symmetry 
_ndb_struct_na_base_pair.j_label_asym_id 
_ndb_struct_na_base_pair.j_label_comp_id 
_ndb_struct_na_base_pair.j_label_seq_id 
_ndb_struct_na_base_pair.j_symmetry 
_ndb_struct_na_base_pair.shear 
_ndb_struct_na_base_pair.stretch 
_ndb_struct_na_base_pair.stagger 
_ndb_struct_na_base_pair.buckle 
_ndb_struct_na_base_pair.propeller 
_ndb_struct_na_base_pair.opening 
_ndb_struct_na_base_pair.pair_number 
_ndb_struct_na_base_pair.pair_name 
_ndb_struct_na_base_pair.i_auth_asym_id 
_ndb_struct_na_base_pair.i_auth_seq_id 
_ndb_struct_na_base_pair.i_PDB_ins_code 
_ndb_struct_na_base_pair.j_auth_asym_id 
_ndb_struct_na_base_pair.j_auth_seq_id 
_ndb_struct_na_base_pair.j_PDB_ins_code 
_ndb_struct_na_base_pair.hbond_type_28 
_ndb_struct_na_base_pair.hbond_type_12 
1 A DC 1 1_555 B DG 10 1_555 0.299  -0.032 0.189  -13.822 -24.304 3.821  1 A_DC1:DG20_B A 1 ? B 20 ? 19 1 
1 A DG 2 1_555 B DC 9  1_555 -0.471 -0.242 1.119  24.757  6.802   -3.720 2 A_DG2:DC19_B A 2 ? B 19 ? 19 1 
1 A DA 3 1_555 B DT 8  1_555 -0.127 -0.534 -1.409 -11.075 -14.540 0.198  3 A_DA3:DT18_B A 3 ? B 18 ? 20 1 
1 A DC 4 1_555 B DG 7  1_555 0.779  -0.468 -0.779 -6.630  -7.903  2.028  4 A_DC4:DG17_B A 4 ? B 17 ? 19 1 
1 A DT 5 1_555 B DA 6  1_555 -0.034 -0.093 -0.449 -25.389 -22.268 10.464 5 A_DT5:DA16_B A 5 ? B 16 ? 20 1 
1 A DA 6 1_555 B DT 5  1_555 0.086  -0.031 -0.209 -32.081 -5.336  -2.681 6 A_DA6:DT15_B A 6 ? B 15 ? 20 1 
1 A DG 7 1_555 B DC 4  1_555 -0.350 -0.072 -0.855 -36.419 -2.400  -8.788 7 A_DG7:DC14_B A 7 ? B 14 ? 19 1 
1 A DT 8 1_555 B DA 3  1_555 -0.061 -0.004 1.287  -32.229 -23.534 -6.320 8 A_DT8:DA13_B A 8 ? B 13 ? 20 1 
1 A DC 9 1_555 B DG 2  1_555 0.750  -0.187 0.444  -14.088 1.674   -0.037 9 A_DC9:DG12_B A 9 ? B 12 ? 19 1 
# 
loop_
_ndb_struct_na_base_pair_step.model_number 
_ndb_struct_na_base_pair_step.i_label_asym_id_1 
_ndb_struct_na_base_pair_step.i_label_comp_id_1 
_ndb_struct_na_base_pair_step.i_label_seq_id_1 
_ndb_struct_na_base_pair_step.i_symmetry_1 
_ndb_struct_na_base_pair_step.j_label_asym_id_1 
_ndb_struct_na_base_pair_step.j_label_comp_id_1 
_ndb_struct_na_base_pair_step.j_label_seq_id_1 
_ndb_struct_na_base_pair_step.j_symmetry_1 
_ndb_struct_na_base_pair_step.i_label_asym_id_2 
_ndb_struct_na_base_pair_step.i_label_comp_id_2 
_ndb_struct_na_base_pair_step.i_label_seq_id_2 
_ndb_struct_na_base_pair_step.i_symmetry_2 
_ndb_struct_na_base_pair_step.j_label_asym_id_2 
_ndb_struct_na_base_pair_step.j_label_comp_id_2 
_ndb_struct_na_base_pair_step.j_label_seq_id_2 
_ndb_struct_na_base_pair_step.j_symmetry_2 
_ndb_struct_na_base_pair_step.shift 
_ndb_struct_na_base_pair_step.slide 
_ndb_struct_na_base_pair_step.rise 
_ndb_struct_na_base_pair_step.tilt 
_ndb_struct_na_base_pair_step.roll 
_ndb_struct_na_base_pair_step.twist 
_ndb_struct_na_base_pair_step.x_displacement 
_ndb_struct_na_base_pair_step.y_displacement 
_ndb_struct_na_base_pair_step.helical_rise 
_ndb_struct_na_base_pair_step.inclination 
_ndb_struct_na_base_pair_step.tip 
_ndb_struct_na_base_pair_step.helical_twist 
_ndb_struct_na_base_pair_step.step_number 
_ndb_struct_na_base_pair_step.step_name 
_ndb_struct_na_base_pair_step.i_auth_asym_id_1 
_ndb_struct_na_base_pair_step.i_auth_seq_id_1 
_ndb_struct_na_base_pair_step.i_PDB_ins_code_1 
_ndb_struct_na_base_pair_step.j_auth_asym_id_1 
_ndb_struct_na_base_pair_step.j_auth_seq_id_1 
_ndb_struct_na_base_pair_step.j_PDB_ins_code_1 
_ndb_struct_na_base_pair_step.i_auth_asym_id_2 
_ndb_struct_na_base_pair_step.i_auth_seq_id_2 
_ndb_struct_na_base_pair_step.i_PDB_ins_code_2 
_ndb_struct_na_base_pair_step.j_auth_asym_id_2 
_ndb_struct_na_base_pair_step.j_auth_seq_id_2 
_ndb_struct_na_base_pair_step.j_PDB_ins_code_2 
1 A DC 1 1_555 B DG 10 1_555 A DG 2 1_555 B DC 9 1_555 -0.135 -1.221 1.899 -7.994 14.442  18.085 -4.979 -0.840 0.738 37.362  
20.681  24.439 1 AA_DC1DG2:DC19DG20_BB A 1 ? B 20 ? A 2 ? B 19 ? 
1 A DG 2 1_555 B DC 9  1_555 A DA 3 1_555 B DT 8 1_555 -0.460 -1.068 4.178 16.418 3.169   46.423 -1.581 2.095  3.747 3.875   
-20.079 49.185 2 AA_DG2DA3:DT18DC19_BB A 2 ? B 19 ? A 3 ? B 18 ? 
1 A DA 3 1_555 B DT 8  1_555 A DC 4 1_555 B DG 7 1_555 0.629  -0.813 2.929 -5.442 -0.765  35.245 -1.230 -1.725 2.820 -1.253  8.921 
35.657 3 AA_DA3DC4:DG17DT18_BB A 3 ? B 18 ? A 4 ? B 17 ? 
1 A DC 4 1_555 B DG 7  1_555 A DT 5 1_555 B DA 6 1_555 1.441  -0.474 3.450 8.758  20.688  33.298 -3.256 -1.022 2.959 31.981  
-13.538 39.989 4 AA_DC4DT5:DA16DG17_BB A 4 ? B 17 ? A 5 ? B 16 ? 
1 A DT 5 1_555 B DA 6  1_555 A DA 6 1_555 B DT 5 1_555 -0.498 -0.499 3.295 -5.815 25.660  24.382 -4.426 -0.007 1.995 46.717  
10.588  35.724 5 AA_DT5DA6:DT15DA16_BB A 5 ? B 16 ? A 6 ? B 15 ? 
1 A DA 6 1_555 B DT 5  1_555 A DG 7 1_555 B DC 4 1_555 0.189  -0.895 3.539 3.352  10.237  28.645 -3.812 0.333  3.049 19.826  
-6.492  30.563 6 AA_DA6DG7:DC14DT15_BB A 6 ? B 15 ? A 7 ? B 14 ? 
1 A DG 7 1_555 B DC 4  1_555 A DT 8 1_555 B DA 3 1_555 -1.264 0.997  3.584 -9.762 -22.111 38.702 3.402  0.707  2.873 -30.069 
13.275  45.382 7 AA_DG7DT8:DA13DC14_BB A 7 ? B 14 ? A 8 ? B 13 ? 
1 A DT 8 1_555 B DA 3  1_555 A DC 9 1_555 B DG 2 1_555 1.208  -0.027 2.694 5.106  -6.978  43.627 0.510  -1.198 2.784 -9.280  
-6.791  44.435 8 AA_DT8DC9:DG12DA13_BB A 8 ? B 13 ? A 9 ? B 12 ? 
# 
_pdbx_nmr_spectrometer.field_strength    600 
_pdbx_nmr_spectrometer.manufacturer      Bruker 
_pdbx_nmr_spectrometer.model             AVANCE 
_pdbx_nmr_spectrometer.spectrometer_id   1 
_pdbx_nmr_spectrometer.type              'Bruker Avance' 
# 
_atom_sites.entry_id                    2MNF 
_atom_sites.fract_transf_matrix[1][1]   1.000000 
_atom_sites.fract_transf_matrix[1][2]   0.000000 
_atom_sites.fract_transf_matrix[1][3]   0.000000 
_atom_sites.fract_transf_matrix[2][1]   0.000000 
_atom_sites.fract_transf_matrix[2][2]   1.000000 
_atom_sites.fract_transf_matrix[2][3]   0.000000 
_atom_sites.fract_transf_matrix[3][1]   0.000000 
_atom_sites.fract_transf_matrix[3][2]   0.000000 
_atom_sites.fract_transf_matrix[3][3]   1.000000 
_atom_sites.fract_transf_vector[1]      0.00000 
_atom_sites.fract_transf_vector[2]      0.00000 
_atom_sites.fract_transf_vector[3]      0.00000 
# 
loop_
_atom_type.symbol 
C 
H 
N 
O 
P 
# 
loop_
_atom_site.group_PDB 
_atom_site.id 
_atom_site.type_symbol 
_atom_site.label_atom_id 
_atom_site.label_alt_id 
_atom_site.label_comp_id 
_atom_site.label_asym_id 
_atom_site.label_entity_id 
_atom_site.label_seq_id 
_atom_site.pdbx_PDB_ins_code 
_atom_site.Cartn_x 
_atom_site.Cartn_y 
_atom_site.Cartn_z 
_atom_site.occupancy 
_atom_site.B_iso_or_equiv 
_atom_site.pdbx_formal_charge 
_atom_site.auth_seq_id 
_atom_site.auth_comp_id 
_atom_site.auth_asym_id 
_atom_site.auth_atom_id 
_atom_site.pdbx_PDB_model_num 
ATOM 1   O "O5'"  . DC A 1 1  ? -14.385 -10.771 -2.183  1.00 0.00 ? 1  DC A "O5'"  1 
ATOM 2   C "C5'"  . DC A 1 1  ? -13.646 -9.657  -2.709  1.00 0.00 ? 1  DC A "C5'"  1 
ATOM 3   C "C4'"  . DC A 1 1  ? -13.690 -8.458  -1.728  1.00 0.00 ? 1  DC A "C4'"  1 
ATOM 4   O "O4'"  . DC A 1 1  ? -13.007 -8.753  -0.504  1.00 0.00 ? 1  DC A "O4'"  1 
ATOM 5   C "C3'"  . DC A 1 1  ? -12.886 -7.236  -2.216  1.00 0.00 ? 1  DC A "C3'"  1 
ATOM 6   O "O3'"  . DC A 1 1  ? -13.586 -6.522  -3.243  1.00 0.00 ? 1  DC A "O3'"  1 
ATOM 7   C "C2'"  . DC A 1 1  ? -12.698 -6.432  -0.907  1.00 0.00 ? 1  DC A "C2'"  1 
ATOM 8   C "C1'"  . DC A 1 1  ? -12.810 -7.514  0.199   1.00 0.00 ? 1  DC A "C1'"  1 
ATOM 9   N N1     . DC A 1 1  ? -11.612 -7.576  1.036   1.00 0.00 ? 1  DC A N1     1 
ATOM 10  C C2     . DC A 1 1  ? -11.572 -6.965  2.241   1.00 0.00 ? 1  DC A C2     1 
ATOM 11  O O2     . DC A 1 1  ? -12.506 -6.320  2.691   1.00 0.00 ? 1  DC A O2     1 
ATOM 12  N N3     . DC A 1 1  ? -10.393 -7.057  3.066   1.00 0.00 ? 1  DC A N3     1 
ATOM 13  C C4     . DC A 1 1  ? -9.357  -7.695  2.693   1.00 0.00 ? 1  DC A C4     1 
ATOM 14  N N4     . DC A 1 1  ? -8.297  -7.807  3.444   1.00 0.00 ? 1  DC A N4     1 
ATOM 15  C C5     . DC A 1 1  ? -9.407  -8.312  1.349   1.00 0.00 ? 1  DC A C5     1 
ATOM 16  C C6     . DC A 1 1  ? -10.511 -8.230  0.592   1.00 0.00 ? 1  DC A C6     1 
ATOM 17  H "H5'"  . DC A 1 1  ? -14.095 -9.352  -3.668  1.00 0.00 ? 1  DC A "H5'"  1 
ATOM 18  H "H5''" . DC A 1 1  ? -12.605 -9.968  -2.894  1.00 0.00 ? 1  DC A "H5''" 1 
ATOM 19  H "H4'"  . DC A 1 1  ? -14.734 -8.169  -1.521  1.00 0.00 ? 1  DC A "H4'"  1 
ATOM 20  H "H3'"  . DC A 1 1  ? -11.901 -7.567  -2.588  1.00 0.00 ? 1  DC A "H3'"  1 
ATOM 21  H "H2'"  . DC A 1 1  ? -11.732 -5.904  -0.882  1.00 0.00 ? 1  DC A "H2'"  1 
ATOM 22  H "H2''" . DC A 1 1  ? -13.509 -5.694  -0.796  1.00 0.00 ? 1  DC A "H2''" 1 
ATOM 23  H "H1'"  . DC A 1 1  ? -13.722 -7.361  0.801   1.00 0.00 ? 1  DC A "H1'"  1 
ATOM 24  H H41    . DC A 1 1  ? -8.278  -7.377  4.380   1.00 0.00 ? 1  DC A H41    1 
ATOM 25  H H42    . DC A 1 1  ? -7.471  -8.330  3.116   1.00 0.00 ? 1  DC A H42    1 
ATOM 26  H H5     . DC A 1 1  ? -8.535  -8.844  0.967   1.00 0.00 ? 1  DC A H5     1 
ATOM 27  H H6     . DC A 1 1  ? -10.508 -8.702  -0.393  1.00 0.00 ? 1  DC A H6     1 
ATOM 28  H "HO5'" . DC A 1 1  ? -14.043 -11.065 -1.346  1.00 0.00 ? 1  DC A "HO5'" 1 
ATOM 29  P P      . DG A 1 2  ? -12.983 -5.196  -3.908  1.00 0.00 ? 2  DG A P      1 
ATOM 30  O OP1    . DG A 1 2  ? -13.925 -4.661  -4.930  1.00 0.00 ? 2  DG A OP1    1 
ATOM 31  O OP2    . DG A 1 2  ? -11.675 -5.520  -4.543  1.00 0.00 ? 2  DG A OP2    1 
ATOM 32  O "O5'"  . DG A 1 2  ? -12.768 -4.110  -2.754  1.00 0.00 ? 2  DG A "O5'"  1 
ATOM 33  C "C5'"  . DG A 1 2  ? -11.955 -2.941  -2.876  1.00 0.00 ? 2  DG A "C5'"  1 
ATOM 34  C "C4'"  . DG A 1 2  ? -11.965 -2.202  -1.518  1.00 0.00 ? 2  DG A "C4'"  1 
ATOM 35  O "O4'"  . DG A 1 2  ? -11.551 -3.142  -0.507  1.00 0.00 ? 2  DG A "O4'"  1 
ATOM 36  C "C3'"  . DG A 1 2  ? -10.932 -1.041  -1.471  1.00 0.00 ? 2  DG A "C3'"  1 
ATOM 37  O "O3'"  . DG A 1 2  ? -11.520 0.092   -0.812  1.00 0.00 ? 2  DG A "O3'"  1 
ATOM 38  C "C2'"  . DG A 1 2  ? -9.813  -1.648  -0.603  1.00 0.00 ? 2  DG A "C2'"  1 
ATOM 39  C "C1'"  . DG A 1 2  ? -10.652 -2.477  0.388   1.00 0.00 ? 2  DG A "C1'"  1 
ATOM 40  N N9     . DG A 1 2  ? -9.831  -3.410  1.143   1.00 0.00 ? 2  DG A N9     1 
ATOM 41  C C8     . DG A 1 2  ? -9.240  -4.472  0.672   1.00 0.00 ? 2  DG A C8     1 
ATOM 42  N N7     . DG A 1 2  ? -8.597  -5.050  1.590   1.00 0.00 ? 2  DG A N7     1 
ATOM 43  C C5     . DG A 1 2  ? -8.767  -4.322  2.817   1.00 0.00 ? 2  DG A C5     1 
ATOM 44  C C6     . DG A 1 2  ? -8.329  -4.409  4.208   1.00 0.00 ? 2  DG A C6     1 
ATOM 45  O O6     . DG A 1 2  ? -7.582  -5.308  4.560   1.00 0.00 ? 2  DG A O6     1 
ATOM 46  N N1     . DG A 1 2  ? -8.811  -3.442  5.032   1.00 0.00 ? 2  DG A N1     1 
ATOM 47  C C2     . DG A 1 2  ? -9.641  -2.437  4.611   1.00 0.00 ? 2  DG A C2     1 
ATOM 48  N N2     . DG A 1 2  ? -10.059 -1.561  5.484   1.00 0.00 ? 2  DG A N2     1 
ATOM 49  N N3     . DG A 1 2  ? -10.002 -2.356  3.388   1.00 0.00 ? 2  DG A N3     1 
ATOM 50  C C4     . DG A 1 2  ? -9.561  -3.330  2.423   1.00 0.00 ? 2  DG A C4     1 
ATOM 51  H "H5'"  . DG A 1 2  ? -12.340 -2.291  -3.677  1.00 0.00 ? 2  DG A "H5'"  1 
ATOM 52  H "H5''" . DG A 1 2  ? -10.927 -3.250  -3.119  1.00 0.00 ? 2  DG A "H5''" 1 
ATOM 53  H "H4'"  . DG A 1 2  ? -12.981 -1.838  -1.290  1.00 0.00 ? 2  DG A "H4'"  1 
ATOM 54  H "H3'"  . DG A 1 2  ? -10.581 -0.725  -2.467  1.00 0.00 ? 2  DG A "H3'"  1 
ATOM 55  H "H2'"  . DG A 1 2  ? -9.186  -2.318  -1.212  1.00 0.00 ? 2  DG A "H2'"  1 
ATOM 56  H "H2''" . DG A 1 2  ? -9.169  -0.907  -0.115  1.00 0.00 ? 2  DG A "H2''" 1 
ATOM 57  H "H1'"  . DG A 1 2  ? -11.225 -1.818  1.063   1.00 0.00 ? 2  DG A "H1'"  1 
ATOM 58  H H8     . DG A 1 2  ? -9.280  -4.822  -0.360  1.00 0.00 ? 2  DG A H8     1 
ATOM 59  H H1     . DG A 1 2  ? -8.527  -3.494  5.987   1.00 0.00 ? 2  DG A H1     1 
ATOM 60  H H21    . DG A 1 2  ? -9.776  -1.614  6.474   1.00 0.00 ? 2  DG A H21    1 
ATOM 61  H H22    . DG A 1 2  ? -10.685 -0.797  5.186   1.00 0.00 ? 2  DG A H22    1 
ATOM 62  P P      . DA A 1 3  ? -10.804 1.501   -0.548  1.00 0.00 ? 3  DA A P      1 
ATOM 63  O OP1    . DA A 1 3  ? -11.592 2.577   -1.211  1.00 0.00 ? 3  DA A OP1    1 
ATOM 64  O OP2    . DA A 1 3  ? -9.424  1.499   -1.111  1.00 0.00 ? 3  DA A OP2    1 
ATOM 65  O "O5'"  . DA A 1 3  ? -10.730 1.797   1.023   1.00 0.00 ? 3  DA A "O5'"  1 
ATOM 66  C "C5'"  . DA A 1 3  ? -11.866 1.960   1.881   1.00 0.00 ? 3  DA A "C5'"  1 
ATOM 67  C "C4'"  . DA A 1 3  ? -11.382 2.261   3.322   1.00 0.00 ? 3  DA A "C4'"  1 
ATOM 68  O "O4'"  . DA A 1 3  ? -10.571 1.147   3.731   1.00 0.00 ? 3  DA A "O4'"  1 
ATOM 69  C "C3'"  . DA A 1 3  ? -10.474 3.517   3.389   1.00 0.00 ? 3  DA A "C3'"  1 
ATOM 70  O "O3'"  . DA A 1 3  ? -10.749 4.236   4.603   1.00 0.00 ? 3  DA A "O3'"  1 
ATOM 71  C "C2'"  . DA A 1 3  ? -9.056  2.910   3.397   1.00 0.00 ? 3  DA A "C2'"  1 
ATOM 72  C "C1'"  . DA A 1 3  ? -9.295  1.612   4.196   1.00 0.00 ? 3  DA A "C1'"  1 
ATOM 73  N N9     . DA A 1 3  ? -8.343  0.550   3.914   1.00 0.00 ? 3  DA A N9     1 
ATOM 74  C C8     . DA A 1 3  ? -8.125  0.014   2.742   1.00 0.00 ? 3  DA A C8     1 
ATOM 75  N N7     . DA A 1 3  ? -7.309  -0.950  2.816   1.00 0.00 ? 3  DA A N7     1 
ATOM 76  C C5     . DA A 1 3  ? -6.942  -1.130  4.089   1.00 0.00 ? 3  DA A C5     1 
ATOM 77  C C6     . DA A 1 3  ? -6.122  -2.082  4.683   1.00 0.00 ? 3  DA A C6     1 
ATOM 78  N N6     . DA A 1 3  ? -5.555  -3.071  3.958   1.00 0.00 ? 3  DA A N6     1 
ATOM 79  N N1     . DA A 1 3  ? -5.957  -1.943  6.019   1.00 0.00 ? 3  DA A N1     1 
ATOM 80  C C2     . DA A 1 3  ? -6.541  -0.934  6.714   1.00 0.00 ? 3  DA A C2     1 
ATOM 81  N N3     . DA A 1 3  ? -7.381  -0.042  6.135   1.00 0.00 ? 3  DA A N3     1 
ATOM 82  C C4     . DA A 1 3  ? -7.587  -0.136  4.809   1.00 0.00 ? 3  DA A C4     1 
ATOM 83  H "H5'"  . DA A 1 3  ? -12.457 1.030   1.871   1.00 0.00 ? 3  DA A "H5'"  1 
ATOM 84  H "H5''" . DA A 1 3  ? -12.493 2.786   1.511   1.00 0.00 ? 3  DA A "H5''" 1 
ATOM 85  H "H4'"  . DA A 1 3  ? -12.248 2.364   3.995   1.00 0.00 ? 3  DA A "H4'"  1 
ATOM 86  H "H3'"  . DA A 1 3  ? -10.629 4.206   2.542   1.00 0.00 ? 3  DA A "H3'"  1 
ATOM 87  H "H2'"  . DA A 1 3  ? -8.745  2.685   2.367   1.00 0.00 ? 3  DA A "H2'"  1 
ATOM 88  H "H2''" . DA A 1 3  ? -8.303  3.568   3.846   1.00 0.00 ? 3  DA A "H2''" 1 
ATOM 89  H "H1'"  . DA A 1 3  ? -9.367  1.831   5.274   1.00 0.00 ? 3  DA A "H1'"  1 
ATOM 90  H H8     . DA A 1 3  ? -8.587  0.334   1.812   1.00 0.00 ? 3  DA A H8     1 
ATOM 91  H H61    . DA A 1 3  ? -5.669  -3.095  2.933   1.00 0.00 ? 3  DA A H61    1 
ATOM 92  H H62    . DA A 1 3  ? -5.028  -3.819  4.426   1.00 0.00 ? 3  DA A H62    1 
ATOM 93  H H2     . DA A 1 3  ? -6.324  -0.834  7.770   1.00 0.00 ? 3  DA A H2     1 
ATOM 94  P P      . DC A 1 4  ? -9.960  5.543   5.091   1.00 0.00 ? 4  DC A P      1 
ATOM 95  O OP1    . DC A 1 4  ? -10.795 6.298   6.068   1.00 0.00 ? 4  DC A OP1    1 
ATOM 96  O OP2    . DC A 1 4  ? -9.647  6.410   3.921   1.00 0.00 ? 4  DC A OP2    1 
ATOM 97  O "O5'"  . DC A 1 4  ? -8.602  5.073   5.794   1.00 0.00 ? 4  DC A "O5'"  1 
ATOM 98  C "C5'"  . DC A 1 4  ? -8.563  4.509   7.108   1.00 0.00 ? 4  DC A "C5'"  1 
ATOM 99  C "C4'"  . DC A 1 4  ? -7.168  3.896   7.368   1.00 0.00 ? 4  DC A "C4'"  1 
ATOM 100 O "O4'"  . DC A 1 4  ? -6.886  2.850   6.425   1.00 0.00 ? 4  DC A "O4'"  1 
ATOM 101 C "C3'"  . DC A 1 4  ? -5.984  4.884   7.194   1.00 0.00 ? 4  DC A "C3'"  1 
ATOM 102 O "O3'"  . DC A 1 4  ? -5.522  5.331   8.480   1.00 0.00 ? 4  DC A "O3'"  1 
ATOM 103 C "C2'"  . DC A 1 4  ? -4.929  4.045   6.424   1.00 0.00 ? 4  DC A "C2'"  1 
ATOM 104 C "C1'"  . DC A 1 4  ? -5.476  2.604   6.490   1.00 0.00 ? 4  DC A "C1'"  1 
ATOM 105 N N1     . DC A 1 4  ? -5.000  1.740   5.406   1.00 0.00 ? 4  DC A N1     1 
ATOM 106 C C2     . DC A 1 4  ? -4.144  0.726   5.651   1.00 0.00 ? 4  DC A C2     1 
ATOM 107 O O2     . DC A 1 4  ? -3.707  0.468   6.761   1.00 0.00 ? 4  DC A O2     1 
ATOM 108 N N3     . DC A 1 4  ? -3.690  -0.126  4.578   1.00 0.00 ? 4  DC A N3     1 
ATOM 109 C C4     . DC A 1 4  ? -4.066  0.045   3.376   1.00 0.00 ? 4  DC A C4     1 
ATOM 110 N N4     . DC A 1 4  ? -3.671  -0.727  2.403   1.00 0.00 ? 4  DC A N4     1 
ATOM 111 C C5     . DC A 1 4  ? -4.989  1.175   3.127   1.00 0.00 ? 4  DC A C5     1 
ATOM 112 C C6     . DC A 1 4  ? -5.406  1.959   4.131   1.00 0.00 ? 4  DC A C6     1 
ATOM 113 H "H5'"  . DC A 1 4  ? -9.317  3.711   7.188   1.00 0.00 ? 4  DC A "H5'"  1 
ATOM 114 H "H5''" . DC A 1 4  ? -8.788  5.293   7.849   1.00 0.00 ? 4  DC A "H5''" 1 
ATOM 115 H "H4'"  . DC A 1 4  ? -7.147  3.462   8.383   1.00 0.00 ? 4  DC A "H4'"  1 
ATOM 116 H "H3'"  . DC A 1 4  ? -6.276  5.771   6.607   1.00 0.00 ? 4  DC A "H3'"  1 
ATOM 117 H "H2'"  . DC A 1 4  ? -4.889  4.375   5.374   1.00 0.00 ? 4  DC A "H2'"  1 
ATOM 118 H "H2''" . DC A 1 4  ? -3.918  4.101   6.843   1.00 0.00 ? 4  DC A "H2''" 1 
ATOM 119 H "H1'"  . DC A 1 4  ? -5.259  2.171   7.482   1.00 0.00 ? 4  DC A "H1'"  1 
ATOM 120 H H41    . DC A 1 4  ? -3.031  -1.511  2.595   1.00 0.00 ? 4  DC A H41    1 
ATOM 121 H H42    . DC A 1 4  ? -3.992  -0.566  1.437   1.00 0.00 ? 4  DC A H42    1 
ATOM 122 H H5     . DC A 1 4  ? -5.337  1.373   2.112   1.00 0.00 ? 4  DC A H5     1 
ATOM 123 H H6     . DC A 1 4  ? -6.079  2.779   3.897   1.00 0.00 ? 4  DC A H6     1 
ATOM 124 P P      . DT A 1 5  ? -4.289  6.322   8.737   1.00 0.00 ? 5  DT A P      1 
ATOM 125 O OP1    . DT A 1 5  ? -4.365  6.864   10.123  1.00 0.00 ? 5  DT A OP1    1 
ATOM 126 O OP2    . DT A 1 5  ? -4.339  7.447   7.761   1.00 0.00 ? 5  DT A OP2    1 
ATOM 127 O "O5'"  . DT A 1 5  ? -2.915  5.521   8.557   1.00 0.00 ? 5  DT A "O5'"  1 
ATOM 128 C "C5'"  . DT A 1 5  ? -2.470  4.493   9.451   1.00 0.00 ? 5  DT A "C5'"  1 
ATOM 129 C "C4'"  . DT A 1 5  ? -1.252  3.770   8.829   1.00 0.00 ? 5  DT A "C4'"  1 
ATOM 130 O "O4'"  . DT A 1 5  ? -1.625  3.200   7.568   1.00 0.00 ? 5  DT A "O4'"  1 
ATOM 131 C "C3'"  . DT A 1 5  ? -0.062  4.703   8.480   1.00 0.00 ? 5  DT A "C3'"  1 
ATOM 132 O "O3'"  . DT A 1 5  ? 0.969   4.576   9.472   1.00 0.00 ? 5  DT A "O3'"  1 
ATOM 133 C "C2'"  . DT A 1 5  ? 0.380   4.230   7.068   1.00 0.00 ? 5  DT A "C2'"  1 
ATOM 134 C "C1'"  . DT A 1 5  ? -0.424  2.930   6.839   1.00 0.00 ? 5  DT A "C1'"  1 
ATOM 135 N N1     . DT A 1 5  ? -0.738  2.637   5.436   1.00 0.00 ? 5  DT A N1     1 
ATOM 136 C C2     . DT A 1 5  ? -0.182  1.557   4.828   1.00 0.00 ? 5  DT A C2     1 
ATOM 137 O O2     . DT A 1 5  ? 0.615   0.832   5.404   1.00 0.00 ? 5  DT A O2     1 
ATOM 138 N N3     . DT A 1 5  ? -0.525  1.278   3.552   1.00 0.00 ? 5  DT A N3     1 
ATOM 139 C C4     . DT A 1 5  ? -1.380  2.045   2.851   1.00 0.00 ? 5  DT A C4     1 
ATOM 140 O O4     . DT A 1 5  ? -1.698  1.788   1.700   1.00 0.00 ? 5  DT A O4     1 
ATOM 141 C C5     . DT A 1 5  ? -1.940  3.235   3.507   1.00 0.00 ? 5  DT A C5     1 
ATOM 142 C C7     . DT A 1 5  ? -2.869  4.145   2.739   1.00 0.00 ? 5  DT A C7     1 
ATOM 143 C C6     . DT A 1 5  ? -1.592  3.462   4.779   1.00 0.00 ? 5  DT A C6     1 
ATOM 144 H "H5'"  . DT A 1 5  ? -3.281  3.760   9.594   1.00 0.00 ? 5  DT A "H5'"  1 
ATOM 145 H "H5''" . DT A 1 5  ? -2.205  4.936   10.423  1.00 0.00 ? 5  DT A "H5''" 1 
ATOM 146 H "H4'"  . DT A 1 5  ? -0.913  2.955   9.491   1.00 0.00 ? 5  DT A "H4'"  1 
ATOM 147 H "H3'"  . DT A 1 5  ? -0.381  5.759   8.453   1.00 0.00 ? 5  DT A "H3'"  1 
ATOM 148 H "H2'"  . DT A 1 5  ? 0.096   4.988   6.322   1.00 0.00 ? 5  DT A "H2'"  1 
ATOM 149 H "H2''" . DT A 1 5  ? 1.457   4.042   6.977   1.00 0.00 ? 5  DT A "H2''" 1 
ATOM 150 H "H1'"  . DT A 1 5  ? 0.090   2.100   7.352   1.00 0.00 ? 5  DT A "H1'"  1 
ATOM 151 H H3     . DT A 1 5  ? -0.134  0.474   3.108   1.00 0.00 ? 5  DT A H3     1 
ATOM 152 H H71    . DT A 1 5  ? -2.303  4.627   1.930   1.00 0.00 ? 5  DT A H71    1 
ATOM 153 H H72    . DT A 1 5  ? -3.313  4.932   3.367   1.00 0.00 ? 5  DT A H72    1 
ATOM 154 H H73    . DT A 1 5  ? -3.686  3.560   2.295   1.00 0.00 ? 5  DT A H73    1 
ATOM 155 H H6     . DT A 1 5  ? -2.007  4.334   5.283   1.00 0.00 ? 5  DT A H6     1 
ATOM 156 P P      . DA A 1 6  ? 2.329   5.422   9.493   1.00 0.00 ? 6  DA A P      1 
ATOM 157 O OP1    . DA A 1 6  ? 3.002   5.246   10.811  1.00 0.00 ? 6  DA A OP1    1 
ATOM 158 O OP2    . DA A 1 6  ? 2.017   6.865   9.290   1.00 0.00 ? 6  DA A OP2    1 
ATOM 159 O "O5'"  . DA A 1 6  ? 3.302   4.922   8.325   1.00 0.00 ? 6  DA A "O5'"  1 
ATOM 160 C "C5'"  . DA A 1 6  ? 4.156   3.780   8.442   1.00 0.00 ? 6  DA A "C5'"  1 
ATOM 161 C "C4'"  . DA A 1 6  ? 4.792   3.458   7.070   1.00 0.00 ? 6  DA A "C4'"  1 
ATOM 162 O "O4'"  . DA A 1 6  ? 3.789   3.026   6.135   1.00 0.00 ? 6  DA A "O4'"  1 
ATOM 163 C "C3'"  . DA A 1 6  ? 5.475   4.670   6.375   1.00 0.00 ? 6  DA A "C3'"  1 
ATOM 164 O "O3'"  . DA A 1 6  ? 6.897   4.467   6.353   1.00 0.00 ? 6  DA A "O3'"  1 
ATOM 165 C "C2'"  . DA A 1 6  ? 4.855   4.661   4.954   1.00 0.00 ? 6  DA A "C2'"  1 
ATOM 166 C "C1'"  . DA A 1 6  ? 4.327   3.219   4.823   1.00 0.00 ? 6  DA A "C1'"  1 
ATOM 167 N N9     . DA A 1 6  ? 3.322   3.045   3.786   1.00 0.00 ? 6  DA A N9     1 
ATOM 168 C C8     . DA A 1 6  ? 2.140   3.603   3.723   1.00 0.00 ? 6  DA A C8     1 
ATOM 169 N N7     . DA A 1 6  ? 1.505   3.224   2.693   1.00 0.00 ? 6  DA A N7     1 
ATOM 170 C C5     . DA A 1 6  ? 2.251   2.362   1.992   1.00 0.00 ? 6  DA A C5     1 
ATOM 171 C C6     . DA A 1 6  ? 2.019   1.675   0.805   1.00 0.00 ? 6  DA A C6     1 
ATOM 172 N N6     . DA A 1 6  ? 0.874   1.816   0.101   1.00 0.00 ? 6  DA A N6     1 
ATOM 173 N N1     . DA A 1 6  ? 3.026   0.860   0.409   1.00 0.00 ? 6  DA A N1     1 
ATOM 174 C C2     . DA A 1 6  ? 4.185   0.747   1.104   1.00 0.00 ? 6  DA A C2     1 
ATOM 175 N N3     . DA A 1 6  ? 4.409   1.429   2.251   1.00 0.00 ? 6  DA A N3     1 
ATOM 176 C C4     . DA A 1 6  ? 3.435   2.240   2.702   1.00 0.00 ? 6  DA A C4     1 
ATOM 177 H "H5'"  . DA A 1 6  ? 3.570   2.910   8.777   1.00 0.00 ? 6  DA A "H5'"  1 
ATOM 178 H "H5''" . DA A 1 6  ? 4.942   3.994   9.184   1.00 0.00 ? 6  DA A "H5''" 1 
ATOM 179 H "H4'"  . DA A 1 6  ? 5.513   2.629   7.183   1.00 0.00 ? 6  DA A "H4'"  1 
ATOM 180 H "H3'"  . DA A 1 6  ? 5.280   5.629   6.881   1.00 0.00 ? 6  DA A "H3'"  1 
ATOM 181 H "H2'"  . DA A 1 6  ? 4.000   5.355   4.921   1.00 0.00 ? 6  DA A "H2'"  1 
ATOM 182 H "H2''" . DA A 1 6  ? 5.555   4.931   4.151   1.00 0.00 ? 6  DA A "H2''" 1 
ATOM 183 H "H1'"  . DA A 1 6  ? 5.167   2.523   4.655   1.00 0.00 ? 6  DA A "H1'"  1 
ATOM 184 H H8     . DA A 1 6  ? 1.732   4.304   4.447   1.00 0.00 ? 6  DA A H8     1 
ATOM 185 H H61    . DA A 1 6  ? 0.129   2.445   0.439   1.00 0.00 ? 6  DA A H61    1 
ATOM 186 H H62    . DA A 1 6  ? 0.743   1.303   -0.783  1.00 0.00 ? 6  DA A H62    1 
ATOM 187 H H2     . DA A 1 6  ? 4.960   0.089   0.728   1.00 0.00 ? 6  DA A H2     1 
ATOM 188 P P      . DG A 1 7  ? 7.953   5.361   5.547   1.00 0.00 ? 7  DG A P      1 
ATOM 189 O OP1    . DG A 1 7  ? 9.248   5.394   6.284   1.00 0.00 ? 7  DG A OP1    1 
ATOM 190 O OP2    . DG A 1 7  ? 7.434   6.748   5.386   1.00 0.00 ? 7  DG A OP2    1 
ATOM 191 O "O5'"  . DG A 1 7  ? 8.167   4.685   4.111   1.00 0.00 ? 7  DG A "O5'"  1 
ATOM 192 C "C5'"  . DG A 1 7  ? 8.796   3.404   3.981   1.00 0.00 ? 7  DG A "C5'"  1 
ATOM 193 C "C4'"  . DG A 1 7  ? 8.722   2.922   2.515   1.00 0.00 ? 7  DG A "C4'"  1 
ATOM 194 O "O4'"  . DG A 1 7  ? 7.338   2.779   2.136   1.00 0.00 ? 7  DG A "O4'"  1 
ATOM 195 C "C3'"  . DG A 1 7  ? 9.319   3.933   1.497   1.00 0.00 ? 7  DG A "C3'"  1 
ATOM 196 O "O3'"  . DG A 1 7  ? 10.177  3.294   0.539   1.00 0.00 ? 7  DG A "O3'"  1 
ATOM 197 C "C2'"  . DG A 1 7  ? 8.077   4.392   0.712   1.00 0.00 ? 7  DG A "C2'"  1 
ATOM 198 C "C1'"  . DG A 1 7  ? 7.235   3.104   0.745   1.00 0.00 ? 7  DG A "C1'"  1 
ATOM 199 N N9     . DG A 1 7  ? 5.878   3.342   0.278   1.00 0.00 ? 7  DG A N9     1 
ATOM 200 C C8     . DG A 1 7  ? 4.996   4.124   0.833   1.00 0.00 ? 7  DG A C8     1 
ATOM 201 N N7     . DG A 1 7  ? 3.925   4.112   0.167   1.00 0.00 ? 7  DG A N7     1 
ATOM 202 C C5     . DG A 1 7  ? 4.080   3.232   -0.957  1.00 0.00 ? 7  DG A C5     1 
ATOM 203 C C6     . DG A 1 7  ? 3.286   2.761   -2.090  1.00 0.00 ? 7  DG A C6     1 
ATOM 204 O O6     . DG A 1 7  ? 2.144   3.164   -2.240  1.00 0.00 ? 7  DG A O6     1 
ATOM 205 N N1     . DG A 1 7  ? 3.907   1.875   -2.913  1.00 0.00 ? 7  DG A N1     1 
ATOM 206 C C2     . DG A 1 7  ? 5.190   1.439   -2.711  1.00 0.00 ? 7  DG A C2     1 
ATOM 207 N N2     . DG A 1 7  ? 5.691   0.568   -3.547  1.00 0.00 ? 7  DG A N2     1 
ATOM 208 N N3     . DG A 1 7  ? 5.883   1.866   -1.726  1.00 0.00 ? 7  DG A N3     1 
ATOM 209 C C4     . DG A 1 7  ? 5.329   2.806   -0.786  1.00 0.00 ? 7  DG A C4     1 
ATOM 210 H "H5'"  . DG A 1 7  ? 8.277   2.675   4.624   1.00 0.00 ? 7  DG A "H5'"  1 
ATOM 211 H "H5''" . DG A 1 7  ? 9.847   3.480   4.303   1.00 0.00 ? 7  DG A "H5''" 1 
ATOM 212 H "H4'"  . DG A 1 7  ? 9.226   1.949   2.422   1.00 0.00 ? 7  DG A "H4'"  1 
ATOM 213 H "H3'"  . DG A 1 7  ? 9.850   4.785   1.953   1.00 0.00 ? 7  DG A "H3'"  1 
ATOM 214 H "H2'"  . DG A 1 7  ? 7.565   5.201   1.255   1.00 0.00 ? 7  DG A "H2'"  1 
ATOM 215 H "H2''" . DG A 1 7  ? 8.299   4.730   -0.310  1.00 0.00 ? 7  DG A "H2''" 1 
ATOM 216 H "H1'"  . DG A 1 7  ? 7.713   2.308   0.147   1.00 0.00 ? 7  DG A "H1'"  1 
ATOM 217 H H8     . DG A 1 7  ? 5.136   4.714   1.736   1.00 0.00 ? 7  DG A H8     1 
ATOM 218 H H1     . DG A 1 7  ? 3.375   1.544   -3.693  1.00 0.00 ? 7  DG A H1     1 
ATOM 219 H H21    . DG A 1 7  ? 5.141   0.210   -4.342  1.00 0.00 ? 7  DG A H21    1 
ATOM 220 H H22    . DG A 1 7  ? 6.651   0.220   -3.411  1.00 0.00 ? 7  DG A H22    1 
ATOM 221 P P      . DT A 1 8  ? 11.682  2.780   0.709   1.00 0.00 ? 8  DT A P      1 
ATOM 222 O OP1    . DT A 1 8  ? 12.314  3.455   1.877   1.00 0.00 ? 8  DT A OP1    1 
ATOM 223 O OP2    . DT A 1 8  ? 12.429  3.161   -0.523  1.00 0.00 ? 8  DT A OP2    1 
ATOM 224 O "O5'"  . DT A 1 8  ? 11.795  1.195   0.895   1.00 0.00 ? 8  DT A "O5'"  1 
ATOM 225 C "C5'"  . DT A 1 8  ? 10.934  0.126   0.483   1.00 0.00 ? 8  DT A "C5'"  1 
ATOM 226 C "C4'"  . DT A 1 8  ? 10.582  0.134   -1.025  1.00 0.00 ? 8  DT A "C4'"  1 
ATOM 227 O "O4'"  . DT A 1 8  ? 9.736   1.226   -1.418  1.00 0.00 ? 8  DT A "O4'"  1 
ATOM 228 C "C3'"  . DT A 1 8  ? 11.784  0.228   -2.001  1.00 0.00 ? 8  DT A "C3'"  1 
ATOM 229 O "O3'"  . DT A 1 8  ? 12.111  -1.089  -2.474  1.00 0.00 ? 8  DT A "O3'"  1 
ATOM 230 C "C2'"  . DT A 1 8  ? 11.260  1.172   -3.121  1.00 0.00 ? 8  DT A "C2'"  1 
ATOM 231 C "C1'"  . DT A 1 8  ? 9.743   1.260   -2.854  1.00 0.00 ? 8  DT A "C1'"  1 
ATOM 232 N N1     . DT A 1 8  ? 9.083   2.449   -3.406  1.00 0.00 ? 8  DT A N1     1 
ATOM 233 C C2     . DT A 1 8  ? 8.241   2.324   -4.468  1.00 0.00 ? 8  DT A C2     1 
ATOM 234 O O2     . DT A 1 8  ? 8.051   1.249   -5.018  1.00 0.00 ? 8  DT A O2     1 
ATOM 235 N N3     . DT A 1 8  ? 7.592   3.415   -4.926  1.00 0.00 ? 8  DT A N3     1 
ATOM 236 C C4     . DT A 1 8  ? 7.770   4.632   -4.377  1.00 0.00 ? 8  DT A C4     1 
ATOM 237 O O4     . DT A 1 8  ? 7.166   5.620   -4.763  1.00 0.00 ? 8  DT A O4     1 
ATOM 238 C C5     . DT A 1 8  ? 8.732   4.765   -3.274  1.00 0.00 ? 8  DT A C5     1 
ATOM 239 C C7     . DT A 1 8  ? 9.002   6.129   -2.684  1.00 0.00 ? 8  DT A C7     1 
ATOM 240 C C6     . DT A 1 8  ? 9.336   3.653   -2.838  1.00 0.00 ? 8  DT A C6     1 
ATOM 241 H "H5'"  . DT A 1 8  ? 10.000  0.162   1.062   1.00 0.00 ? 8  DT A "H5'"  1 
ATOM 242 H "H5''" . DT A 1 8  ? 11.459  -0.809  0.730   1.00 0.00 ? 8  DT A "H5''" 1 
ATOM 243 H "H4'"  . DT A 1 8  ? 10.018  -0.794  -1.233  1.00 0.00 ? 8  DT A "H4'"  1 
ATOM 244 H "H3'"  . DT A 1 8  ? 12.678  0.654   -1.517  1.00 0.00 ? 8  DT A "H3'"  1 
ATOM 245 H "H2'"  . DT A 1 8  ? 11.707  2.172   -3.006  1.00 0.00 ? 8  DT A "H2'"  1 
ATOM 246 H "H2''" . DT A 1 8  ? 11.471  0.820   -4.137  1.00 0.00 ? 8  DT A "H2''" 1 
ATOM 247 H "H1'"  . DT A 1 8  ? 9.268   0.329   -3.206  1.00 0.00 ? 8  DT A "H1'"  1 
ATOM 248 H H3     . DT A 1 8  ? 6.953   3.323   -5.693  1.00 0.00 ? 8  DT A H3     1 
ATOM 249 H H71    . DT A 1 8  ? 9.276   6.830   -3.485  1.00 0.00 ? 8  DT A H71    1 
ATOM 250 H H72    . DT A 1 8  ? 9.818   6.120   -1.945  1.00 0.00 ? 8  DT A H72    1 
ATOM 251 H H73    . DT A 1 8  ? 8.090   6.501   -2.194  1.00 0.00 ? 8  DT A H73    1 
ATOM 252 H H6     . DT A 1 8  ? 10.042  3.727   -2.012  1.00 0.00 ? 8  DT A H6     1 
ATOM 253 P P      . DC A 1 9  ? 13.163  -1.447  -3.628  1.00 0.00 ? 9  DC A P      1 
ATOM 254 O OP1    . DC A 1 9  ? 13.618  -2.858  -3.475  1.00 0.00 ? 9  DC A OP1    1 
ATOM 255 O OP2    . DC A 1 9  ? 14.332  -0.527  -3.551  1.00 0.00 ? 9  DC A OP2    1 
ATOM 256 O "O5'"  . DC A 1 9  ? 12.426  -1.274  -5.038  1.00 0.00 ? 9  DC A "O5'"  1 
ATOM 257 C "C5'"  . DC A 1 9  ? 11.351  -2.110  -5.480  1.00 0.00 ? 9  DC A "C5'"  1 
ATOM 258 C "C4'"  . DC A 1 9  ? 10.671  -1.462  -6.708  1.00 0.00 ? 9  DC A "C4'"  1 
ATOM 259 O "O4'"  . DC A 1 9  ? 10.242  -0.141  -6.372  1.00 0.00 ? 9  DC A "O4'"  1 
ATOM 260 C "C3'"  . DC A 1 9  ? 11.616  -1.206  -7.905  1.00 0.00 ? 9  DC A "C3'"  1 
ATOM 261 O "O3'"  . DC A 1 9  ? 11.622  -2.350  -8.772  1.00 0.00 ? 9  DC A "O3'"  1 
ATOM 262 C "C2'"  . DC A 1 9  ? 11.037  0.073   -8.570  1.00 0.00 ? 9  DC A "C2'"  1 
ATOM 263 C "C1'"  . DC A 1 9  ? 9.922   0.530   -7.596  1.00 0.00 ? 9  DC A "C1'"  1 
ATOM 264 N N1     . DC A 1 9  ? 9.877   1.969   -7.339  1.00 0.00 ? 9  DC A N1     1 
ATOM 265 C C2     . DC A 1 9  ? 8.855   2.726   -7.791  1.00 0.00 ? 9  DC A C2     1 
ATOM 266 O O2     . DC A 1 9  ? 7.952   2.287   -8.484  1.00 0.00 ? 9  DC A O2     1 
ATOM 267 N N3     . DC A 1 9  ? 8.782   4.127   -7.453  1.00 0.00 ? 9  DC A N3     1 
ATOM 268 C C4     . DC A 1 9  ? 9.669   4.696   -6.742  1.00 0.00 ? 9  DC A C4     1 
ATOM 269 N N4     . DC A 1 9  ? 9.597   5.955   -6.410  1.00 0.00 ? 9  DC A N4     1 
ATOM 270 C C5     . DC A 1 9  ? 10.802  3.856   -6.298  1.00 0.00 ? 9  DC A C5     1 
ATOM 271 C C6     . DC A 1 9  ? 10.859  2.554   -6.611  1.00 0.00 ? 9  DC A C6     1 
ATOM 272 H "H5'"  . DC A 1 9  ? 10.604  -2.194  -4.674  1.00 0.00 ? 9  DC A "H5'"  1 
ATOM 273 H "H5''" . DC A 1 9  ? 11.734  -3.113  -5.725  1.00 0.00 ? 9  DC A "H5''" 1 
ATOM 274 H "H4'"  . DC A 1 9  ? 9.800   -2.062  -7.030  1.00 0.00 ? 9  DC A "H4'"  1 
ATOM 275 H "H3'"  . DC A 1 9  ? 12.638  -1.014  -7.540  1.00 0.00 ? 9  DC A "H3'"  1 
ATOM 276 H "H2'"  . DC A 1 9  ? 11.814  0.849   -8.673  1.00 0.00 ? 9  DC A "H2'"  1 
ATOM 277 H "H2''" . DC A 1 9  ? 10.611  -0.126  -9.564  1.00 0.00 ? 9  DC A "H2''" 1 
ATOM 278 H "H1'"  . DC A 1 9  ? 8.946   0.129   -7.922  1.00 0.00 ? 9  DC A "H1'"  1 
ATOM 279 H H41    . DC A 1 9  ? 8.797   6.525   -6.722  1.00 0.00 ? 9  DC A H41    1 
ATOM 280 H H42    . DC A 1 9  ? 10.331  6.392   -5.835  1.00 0.00 ? 9  DC A H42    1 
ATOM 281 H H5     . DC A 1 9  ? 11.604  4.299   -5.704  1.00 0.00 ? 9  DC A H5     1 
ATOM 282 H H6     . DC A 1 9  ? 11.715  1.973   -6.267  1.00 0.00 ? 9  DC A H6     1 
ATOM 283 P P      . DG A 1 10 ? 12.595  -2.517  -10.032 1.00 0.00 ? 10 DG A P      1 
ATOM 284 O OP1    . DG A 1 10 ? 12.308  -3.810  -10.715 1.00 0.00 ? 10 DG A OP1    1 
ATOM 285 O OP2    . DG A 1 10 ? 14.005  -2.521  -9.552  1.00 0.00 ? 10 DG A OP2    1 
ATOM 286 O "O5'"  . DG A 1 10 ? 12.398  -1.302  -11.052 1.00 0.00 ? 10 DG A "O5'"  1 
ATOM 287 C "C5'"  . DG A 1 10 ? 11.519  -1.310  -12.182 1.00 0.00 ? 10 DG A "C5'"  1 
ATOM 288 C "C4'"  . DG A 1 10 ? 11.620  0.061   -12.890 1.00 0.00 ? 10 DG A "C4'"  1 
ATOM 289 O "O4'"  . DG A 1 10 ? 11.094  1.078   -12.018 1.00 0.00 ? 10 DG A "O4'"  1 
ATOM 290 C "C3'"  . DG A 1 10 ? 13.093  0.480   -13.174 1.00 0.00 ? 10 DG A "C3'"  1 
ATOM 291 O "O3'"  . DG A 1 10 ? 13.214  0.887   -14.550 1.00 0.00 ? 10 DG A "O3'"  1 
ATOM 292 C "C2'"  . DG A 1 10 ? 13.283  1.688   -12.226 1.00 0.00 ? 10 DG A "C2'"  1 
ATOM 293 C "C1'"  . DG A 1 10 ? 11.856  2.273   -12.227 1.00 0.00 ? 10 DG A "C1'"  1 
ATOM 294 N N9     . DG A 1 10 ? 11.551  3.297   -11.234 1.00 0.00 ? 10 DG A N9     1 
ATOM 295 C C8     . DG A 1 10 ? 12.362  3.823   -10.358 1.00 0.00 ? 10 DG A C8     1 
ATOM 296 N N7     . DG A 1 10 ? 11.762  4.710   -9.693  1.00 0.00 ? 10 DG A N7     1 
ATOM 297 C C5     . DG A 1 10 ? 10.406  4.816   -10.154 1.00 0.00 ? 10 DG A C5     1 
ATOM 298 C C6     . DG A 1 10 ? 9.210   5.612   -9.871  1.00 0.00 ? 10 DG A C6     1 
ATOM 299 O O6     . DG A 1 10 ? 9.243   6.489   -9.023  1.00 0.00 ? 10 DG A O6     1 
ATOM 300 N N1     . DG A 1 10 ? 8.111   5.303   -10.611 1.00 0.00 ? 10 DG A N1     1 
ATOM 301 C C2     . DG A 1 10 ? 8.109   4.328   -11.573 1.00 0.00 ? 10 DG A C2     1 
ATOM 302 N N2     . DG A 1 10 ? 7.000   4.103   -12.228 1.00 0.00 ? 10 DG A N2     1 
ATOM 303 N N3     . DG A 1 10 ? 9.163   3.653   -11.829 1.00 0.00 ? 10 DG A N3     1 
ATOM 304 C C4     . DG A 1 10 ? 10.385  3.883   -11.103 1.00 0.00 ? 10 DG A C4     1 
ATOM 305 H "H5'"  . DG A 1 10 ? 10.483  -1.496  -11.858 1.00 0.00 ? 10 DG A "H5'"  1 
ATOM 306 H "H5''" . DG A 1 10 ? 11.828  -2.109  -12.875 1.00 0.00 ? 10 DG A "H5''" 1 
ATOM 307 H "H4'"  . DG A 1 10 ? 11.029  0.054   -13.821 1.00 0.00 ? 10 DG A "H4'"  1 
ATOM 308 H "H3'"  . DG A 1 10 ? 13.818  -0.328  -12.969 1.00 0.00 ? 10 DG A "H3'"  1 
ATOM 309 H "HO3'" . DG A 1 10 ? 14.085  1.200   -14.768 1.00 0.00 ? 10 DG A "HO3'" 1 
ATOM 310 H "H2'"  . DG A 1 10 ? 13.529  1.329   -11.212 1.00 0.00 ? 10 DG A "H2'"  1 
ATOM 311 H "H2''" . DG A 1 10 ? 14.053  2.401   -12.559 1.00 0.00 ? 10 DG A "H2''" 1 
ATOM 312 H "H1'"  . DG A 1 10 ? 11.626  2.694   -13.221 1.00 0.00 ? 10 DG A "H1'"  1 
ATOM 313 H H8     . DG A 1 10 ? 13.409  3.569   -10.197 1.00 0.00 ? 10 DG A H8     1 
ATOM 314 H H1     . DG A 1 10 ? 7.284   5.837   -10.428 1.00 0.00 ? 10 DG A H1     1 
ATOM 315 H H21    . DG A 1 10 ? 6.142   4.639   -12.032 1.00 0.00 ? 10 DG A H21    1 
ATOM 316 H H22    . DG A 1 10 ? 6.976   3.375   -12.959 1.00 0.00 ? 10 DG A H22    1 
ATOM 317 O "O5'"  . DC B 1 1  ? 5.301   10.399  -16.579 1.00 0.00 ? 11 DC B "O5'"  1 
ATOM 318 C "C5'"  . DC B 1 1  ? 4.035   10.684  -15.964 1.00 0.00 ? 11 DC B "C5'"  1 
ATOM 319 C "C4'"  . DC B 1 1  ? 3.374   9.373   -15.470 1.00 0.00 ? 11 DC B "C4'"  1 
ATOM 320 O "O4'"  . DC B 1 1  ? 4.316   8.754   -14.577 1.00 0.00 ? 11 DC B "O4'"  1 
ATOM 321 C "C3'"  . DC B 1 1  ? 2.082   9.630   -14.652 1.00 0.00 ? 11 DC B "C3'"  1 
ATOM 322 O "O3'"  . DC B 1 1  ? 1.120   8.611   -14.966 1.00 0.00 ? 11 DC B "O3'"  1 
ATOM 323 C "C2'"  . DC B 1 1  ? 2.584   9.537   -13.195 1.00 0.00 ? 11 DC B "C2'"  1 
ATOM 324 C "C1'"  . DC B 1 1  ? 3.682   8.458   -13.325 1.00 0.00 ? 11 DC B "C1'"  1 
ATOM 325 N N1     . DC B 1 1  ? 4.699   8.522   -12.272 1.00 0.00 ? 11 DC B N1     1 
ATOM 326 C C2     . DC B 1 1  ? 4.844   7.529   -11.365 1.00 0.00 ? 11 DC B C2     1 
ATOM 327 O O2     . DC B 1 1  ? 4.140   6.532   -11.353 1.00 0.00 ? 11 DC B O2     1 
ATOM 328 N N3     . DC B 1 1  ? 5.870   7.611   -10.352 1.00 0.00 ? 11 DC B N3     1 
ATOM 329 C C4     . DC B 1 1  ? 6.659   8.606   -10.268 1.00 0.00 ? 11 DC B C4     1 
ATOM 330 N N4     . DC B 1 1  ? 7.590   8.694   -9.360  1.00 0.00 ? 11 DC B N4     1 
ATOM 331 C C5     . DC B 1 1  ? 6.477   9.682   -11.267 1.00 0.00 ? 11 DC B C5     1 
ATOM 332 C C6     . DC B 1 1  ? 5.529   9.593   -12.209 1.00 0.00 ? 11 DC B C6     1 
ATOM 333 H "H5'"  . DC B 1 1  ? 3.389   11.170  -16.712 1.00 0.00 ? 11 DC B "H5'"  1 
ATOM 334 H "H5''" . DC B 1 1  ? 4.181   11.382  -15.123 1.00 0.00 ? 11 DC B "H5''" 1 
ATOM 335 H "H4'"  . DC B 1 1  ? 3.184   8.706   -16.326 1.00 0.00 ? 11 DC B "H4'"  1 
ATOM 336 H "H3'"  . DC B 1 1  ? 1.621   10.606  -14.876 1.00 0.00 ? 11 DC B "H3'"  1 
ATOM 337 H "H2'"  . DC B 1 1  ? 3.024   10.502  -12.903 1.00 0.00 ? 11 DC B "H2'"  1 
ATOM 338 H "H2''" . DC B 1 1  ? 1.809   9.275   -12.461 1.00 0.00 ? 11 DC B "H2''" 1 
ATOM 339 H "H1'"  . DC B 1 1  ? 3.207   7.468   -13.423 1.00 0.00 ? 11 DC B "H1'"  1 
ATOM 340 H H41    . DC B 1 1  ? 7.716   7.937   -8.673  1.00 0.00 ? 11 DC B H41    1 
ATOM 341 H H42    . DC B 1 1  ? 8.213   9.515   -9.320  1.00 0.00 ? 11 DC B H42    1 
ATOM 342 H H5     . DC B 1 1  ? 7.125   10.559  -11.238 1.00 0.00 ? 11 DC B H5     1 
ATOM 343 H H6     . DC B 1 1  ? 5.446   10.412  -12.927 1.00 0.00 ? 11 DC B H6     1 
ATOM 344 H "HO5'" . DC B 1 1  ? 5.906   9.979   -15.976 1.00 0.00 ? 11 DC B "HO5'" 1 
ATOM 345 P P      . DG B 1 2  ? -0.325  8.481   -14.288 1.00 0.00 ? 12 DG B P      1 
ATOM 346 O OP1    . DG B 1 2  ? -1.234  7.702   -15.176 1.00 0.00 ? 12 DG B OP1    1 
ATOM 347 O OP2    . DG B 1 2  ? -0.897  9.836   -14.048 1.00 0.00 ? 12 DG B OP2    1 
ATOM 348 O "O5'"  . DG B 1 2  ? -0.146  7.703   -12.905 1.00 0.00 ? 12 DG B "O5'"  1 
ATOM 349 C "C5'"  . DG B 1 2  ? -1.036  7.702   -11.786 1.00 0.00 ? 12 DG B "C5'"  1 
ATOM 350 C "C4'"  . DG B 1 2  ? -0.405  6.747   -10.752 1.00 0.00 ? 12 DG B "C4'"  1 
ATOM 351 O "O4'"  . DG B 1 2  ? 0.915   7.177   -10.388 1.00 0.00 ? 12 DG B "O4'"  1 
ATOM 352 C "C3'"  . DG B 1 2  ? -1.128  6.655   -9.382  1.00 0.00 ? 12 DG B "C3'"  1 
ATOM 353 O "O3'"  . DG B 1 2  ? -2.084  5.585   -9.316  1.00 0.00 ? 12 DG B "O3'"  1 
ATOM 354 C "C2'"  . DG B 1 2  ? 0.028   6.488   -8.358  1.00 0.00 ? 12 DG B "C2'"  1 
ATOM 355 C "C1'"  . DG B 1 2  ? 1.287   6.396   -9.248  1.00 0.00 ? 12 DG B "C1'"  1 
ATOM 356 N N9     . DG B 1 2  ? 2.532   6.839   -8.636  1.00 0.00 ? 12 DG B N9     1 
ATOM 357 C C8     . DG B 1 2  ? 2.776   8.006   -8.110  1.00 0.00 ? 12 DG B C8     1 
ATOM 358 N N7     . DG B 1 2  ? 3.961   8.044   -7.680  1.00 0.00 ? 12 DG B N7     1 
ATOM 359 C C5     . DG B 1 2  ? 4.602   6.786   -7.940  1.00 0.00 ? 12 DG B C5     1 
ATOM 360 C C6     . DG B 1 2  ? 5.908   6.155   -7.741  1.00 0.00 ? 12 DG B C6     1 
ATOM 361 O O6     . DG B 1 2  ? 6.806   6.768   -7.186  1.00 0.00 ? 12 DG B O6     1 
ATOM 362 N N1     . DG B 1 2  ? 6.025   4.890   -8.224  1.00 0.00 ? 12 DG B N1     1 
ATOM 363 C C2     . DG B 1 2  ? 5.006   4.227   -8.853  1.00 0.00 ? 12 DG B C2     1 
ATOM 364 N N2     . DG B 1 2  ? 5.225   3.023   -9.309  1.00 0.00 ? 12 DG B N2     1 
ATOM 365 N N3     . DG B 1 2  ? 3.863   4.775   -9.000  1.00 0.00 ? 12 DG B N3     1 
ATOM 366 C C4     . DG B 1 2  ? 3.621   6.117   -8.541  1.00 0.00 ? 12 DG B C4     1 
ATOM 367 H "H5'"  . DG B 1 2  ? -2.034  7.345   -12.086 1.00 0.00 ? 12 DG B "H5'"  1 
ATOM 368 H "H5''" . DG B 1 2  ? -1.115  8.722   -11.381 1.00 0.00 ? 12 DG B "H5''" 1 
ATOM 369 H "H4'"  . DG B 1 2  ? -0.328  5.752   -11.218 1.00 0.00 ? 12 DG B "H4'"  1 
ATOM 370 H "H3'"  . DG B 1 2  ? -1.671  7.592   -9.178  1.00 0.00 ? 12 DG B "H3'"  1 
ATOM 371 H "H2'"  . DG B 1 2  ? 0.095   7.377   -7.714  1.00 0.00 ? 12 DG B "H2'"  1 
ATOM 372 H "H2''" . DG B 1 2  ? -0.088  5.602   -7.715  1.00 0.00 ? 12 DG B "H2''" 1 
ATOM 373 H "H1'"  . DG B 1 2  ? 1.422   5.357   -9.580  1.00 0.00 ? 12 DG B "H1'"  1 
ATOM 374 H H8     . DG B 1 2  ? 2.079   8.840   -8.045  1.00 0.00 ? 12 DG B H8     1 
ATOM 375 H H1     . DG B 1 2  ? 6.916   4.454   -8.105  1.00 0.00 ? 12 DG B H1     1 
ATOM 376 H H21    . DG B 1 2  ? 6.146   2.572   -9.211  1.00 0.00 ? 12 DG B H21    1 
ATOM 377 H H22    . DG B 1 2  ? 4.467   2.509   -9.785  1.00 0.00 ? 12 DG B H22    1 
ATOM 378 P P      . DA B 1 3  ? -1.922  4.022   -9.638  1.00 0.00 ? 13 DA B P      1 
ATOM 379 O OP1    . DA B 1 3  ? -2.443  3.787   -11.013 1.00 0.00 ? 13 DA B OP1    1 
ATOM 380 O OP2    . DA B 1 3  ? -2.752  3.260   -8.664  1.00 0.00 ? 13 DA B OP2    1 
ATOM 381 O "O5'"  . DA B 1 3  ? -0.386  3.568   -9.553  1.00 0.00 ? 13 DA B "O5'"  1 
ATOM 382 C "C5'"  . DA B 1 3  ? 0.389   2.894   -10.556 1.00 0.00 ? 13 DA B "C5'"  1 
ATOM 383 C "C4'"  . DA B 1 3  ? 0.314   1.342   -10.585 1.00 0.00 ? 13 DA B "C4'"  1 
ATOM 384 O "O4'"  . DA B 1 3  ? 1.289   0.745   -9.720  1.00 0.00 ? 13 DA B "O4'"  1 
ATOM 385 C "C3'"  . DA B 1 3  ? -0.993  0.697   -10.068 1.00 0.00 ? 13 DA B "C3'"  1 
ATOM 386 O "O3'"  . DA B 1 3  ? -1.189  -0.582  -10.696 1.00 0.00 ? 13 DA B "O3'"  1 
ATOM 387 C "C2'"  . DA B 1 3  ? -0.753  0.537   -8.546  1.00 0.00 ? 13 DA B "C2'"  1 
ATOM 388 C "C1'"  . DA B 1 3  ? 0.778   0.724   -8.381  1.00 0.00 ? 13 DA B "C1'"  1 
ATOM 389 N N9     . DA B 1 3  ? 1.314   1.838   -7.595  1.00 0.00 ? 13 DA B N9     1 
ATOM 390 C C8     . DA B 1 3  ? 0.690   2.856   -7.054  1.00 0.00 ? 13 DA B C8     1 
ATOM 391 N N7     . DA B 1 3  ? 1.486   3.601   -6.408  1.00 0.00 ? 13 DA B N7     1 
ATOM 392 C C5     . DA B 1 3  ? 2.725   3.097   -6.457  1.00 0.00 ? 13 DA B C5     1 
ATOM 393 C C6     . DA B 1 3  ? 3.927   3.518   -5.895  1.00 0.00 ? 13 DA B C6     1 
ATOM 394 N N6     . DA B 1 3  ? 4.022   4.658   -5.178  1.00 0.00 ? 13 DA B N6     1 
ATOM 395 N N1     . DA B 1 3  ? 4.984   2.703   -6.119  1.00 0.00 ? 13 DA B N1     1 
ATOM 396 C C2     . DA B 1 3  ? 4.872   1.570   -6.857  1.00 0.00 ? 13 DA B C2     1 
ATOM 397 N N3     . DA B 1 3  ? 3.710   1.198   -7.446  1.00 0.00 ? 13 DA B N3     1 
ATOM 398 C C4     . DA B 1 3  ? 2.616   1.950   -7.226  1.00 0.00 ? 13 DA B C4     1 
ATOM 399 H "H5'"  . DA B 1 3  ? 1.449   3.142   -10.397 1.00 0.00 ? 13 DA B "H5'"  1 
ATOM 400 H "H5''" . DA B 1 3  ? 0.096   3.309   -11.534 1.00 0.00 ? 13 DA B "H5''" 1 
ATOM 401 H "H4'"  . DA B 1 3  ? 0.541   1.027   -11.615 1.00 0.00 ? 13 DA B "H4'"  1 
ATOM 402 H "H3'"  . DA B 1 3  ? -1.893  1.282   -10.306 1.00 0.00 ? 13 DA B "H3'"  1 
ATOM 403 H "H2'"  . DA B 1 3  ? -1.331  1.266   -7.968  1.00 0.00 ? 13 DA B "H2'"  1 
ATOM 404 H "H2''" . DA B 1 3  ? -1.081  -0.464  -8.220  1.00 0.00 ? 13 DA B "H2''" 1 
ATOM 405 H "H1'"  . DA B 1 3  ? 1.204   -0.174  -7.918  1.00 0.00 ? 13 DA B "H1'"  1 
ATOM 406 H H8     . DA B 1 3  ? -0.365  3.110   -7.091  1.00 0.00 ? 13 DA B H8     1 
ATOM 407 H H61    . DA B 1 3  ? 3.193   5.257   -5.037  1.00 0.00 ? 13 DA B H61    1 
ATOM 408 H H62    . DA B 1 3  ? 4.924   4.936   -4.767  1.00 0.00 ? 13 DA B H62    1 
ATOM 409 H H2     . DA B 1 3  ? 5.747   0.941   -6.980  1.00 0.00 ? 13 DA B H2     1 
ATOM 410 P P      . DC B 1 4  ? -0.164  -1.793  -10.932 1.00 0.00 ? 14 DC B P      1 
ATOM 411 O OP1    . DC B 1 4  ? 0.795   -1.436  -12.015 1.00 0.00 ? 14 DC B OP1    1 
ATOM 412 O OP2    . DC B 1 4  ? -0.933  -2.990  -11.372 1.00 0.00 ? 14 DC B OP2    1 
ATOM 413 O "O5'"  . DC B 1 4  ? 0.652   -2.177  -9.611  1.00 0.00 ? 14 DC B "O5'"  1 
ATOM 414 C "C5'"  . DC B 1 4  ? 1.945   -2.795  -9.672  1.00 0.00 ? 14 DC B "C5'"  1 
ATOM 415 C "C4'"  . DC B 1 4  ? 2.370   -3.327  -8.281  1.00 0.00 ? 14 DC B "C4'"  1 
ATOM 416 O "O4'"  . DC B 1 4  ? 2.378   -2.240  -7.339  1.00 0.00 ? 14 DC B "O4'"  1 
ATOM 417 C "C3'"  . DC B 1 4  ? 1.362   -4.363  -7.727  1.00 0.00 ? 14 DC B "C3'"  1 
ATOM 418 O "O3'"  . DC B 1 4  ? 2.123   -5.304  -6.965  1.00 0.00 ? 14 DC B "O3'"  1 
ATOM 419 C "C2'"  . DC B 1 4  ? 0.493   -3.491  -6.803  1.00 0.00 ? 14 DC B "C2'"  1 
ATOM 420 C "C1'"  . DC B 1 4  ? 1.571   -2.566  -6.191  1.00 0.00 ? 14 DC B "C1'"  1 
ATOM 421 N N1     . DC B 1 4  ? 1.165   -1.314  -5.547  1.00 0.00 ? 14 DC B N1     1 
ATOM 422 C C2     . DC B 1 4  ? 2.116   -0.434  -5.165  1.00 0.00 ? 14 DC B C2     1 
ATOM 423 O O2     . DC B 1 4  ? 3.310   -0.661  -5.280  1.00 0.00 ? 14 DC B O2     1 
ATOM 424 N N3     . DC B 1 4  ? 1.753   0.842   -4.599  1.00 0.00 ? 14 DC B N3     1 
ATOM 425 C C4     . DC B 1 4  ? 0.539   1.183   -4.434  1.00 0.00 ? 14 DC B C4     1 
ATOM 426 N N4     . DC B 1 4  ? 0.197   2.350   -3.963  1.00 0.00 ? 14 DC B N4     1 
ATOM 427 C C5     . DC B 1 4  ? -0.484  0.186   -4.813  1.00 0.00 ? 14 DC B C5     1 
ATOM 428 C C6     . DC B 1 4  ? -0.139  -0.996  -5.344  1.00 0.00 ? 14 DC B C6     1 
ATOM 429 H "H5'"  . DC B 1 4  ? 2.673   -2.049  -10.030 1.00 0.00 ? 14 DC B "H5'"  1 
ATOM 430 H "H5''" . DC B 1 4  ? 1.921   -3.636  -10.384 1.00 0.00 ? 14 DC B "H5''" 1 
ATOM 431 H "H4'"  . DC B 1 4  ? 3.384   -3.757  -8.354  1.00 0.00 ? 14 DC B "H4'"  1 
ATOM 432 H "H3'"  . DC B 1 4  ? 0.789   -4.900  -8.500  1.00 0.00 ? 14 DC B "H3'"  1 
ATOM 433 H "H2'"  . DC B 1 4  ? -0.217  -2.921  -7.419  1.00 0.00 ? 14 DC B "H2'"  1 
ATOM 434 H "H2''" . DC B 1 4  ? -0.065  -4.074  -6.058  1.00 0.00 ? 14 DC B "H2''" 1 
ATOM 435 H "H1'"  . DC B 1 4  ? 2.182   -3.154  -5.484  1.00 0.00 ? 14 DC B "H1'"  1 
ATOM 436 H H41    . DC B 1 4  ? 0.922   3.039   -3.717  1.00 0.00 ? 14 DC B H41    1 
ATOM 437 H H42    . DC B 1 4  ? -0.795  2.601   -3.842  1.00 0.00 ? 14 DC B H42    1 
ATOM 438 H H5     . DC B 1 4  ? -1.537  0.421   -4.658  1.00 0.00 ? 14 DC B H5     1 
ATOM 439 H H6     . DC B 1 4  ? -0.957  -1.668  -5.597  1.00 0.00 ? 14 DC B H6     1 
ATOM 440 P P      . DT B 1 5  ? 1.744   -6.603  -6.113  1.00 0.00 ? 15 DT B P      1 
ATOM 441 O OP1    . DT B 1 5  ? 1.896   -7.827  -6.946  1.00 0.00 ? 15 DT B OP1    1 
ATOM 442 O OP2    . DT B 1 5  ? 0.366   -6.521  -5.555  1.00 0.00 ? 15 DT B OP2    1 
ATOM 443 O "O5'"  . DT B 1 5  ? 2.808   -6.596  -4.919  1.00 0.00 ? 15 DT B "O5'"  1 
ATOM 444 C "C5'"  . DT B 1 5  ? 4.223   -6.533  -5.141  1.00 0.00 ? 15 DT B "C5'"  1 
ATOM 445 C "C4'"  . DT B 1 5  ? 4.851   -5.965  -3.851  1.00 0.00 ? 15 DT B "C4'"  1 
ATOM 446 O "O4'"  . DT B 1 5  ? 4.151   -4.740  -3.592  1.00 0.00 ? 15 DT B "O4'"  1 
ATOM 447 C "C3'"  . DT B 1 5  ? 4.624   -6.858  -2.603  1.00 0.00 ? 15 DT B "C3'"  1 
ATOM 448 O "O3'"  . DT B 1 5  ? 5.904   -7.139  -2.014  1.00 0.00 ? 15 DT B "O3'"  1 
ATOM 449 C "C2'"  . DT B 1 5  ? 3.717   -5.991  -1.693  1.00 0.00 ? 15 DT B "C2'"  1 
ATOM 450 C "C1'"  . DT B 1 5  ? 4.042   -4.558  -2.180  1.00 0.00 ? 15 DT B "C1'"  1 
ATOM 451 N N1     . DT B 1 5  ? 3.037   -3.508  -1.959  1.00 0.00 ? 15 DT B N1     1 
ATOM 452 C C2     . DT B 1 5  ? 3.398   -2.343  -1.360  1.00 0.00 ? 15 DT B C2     1 
ATOM 453 O O2     . DT B 1 5  ? 4.525   -2.161  -0.925  1.00 0.00 ? 15 DT B O2     1 
ATOM 454 N N3     . DT B 1 5  ? 2.487   -1.349  -1.253  1.00 0.00 ? 15 DT B N3     1 
ATOM 455 C C4     . DT B 1 5  ? 1.224   -1.474  -1.700  1.00 0.00 ? 15 DT B C4     1 
ATOM 456 O O4     . DT B 1 5  ? 0.417   -0.560  -1.631  1.00 0.00 ? 15 DT B O4     1 
ATOM 457 C C5     . DT B 1 5  ? 0.828   -2.759  -2.293  1.00 0.00 ? 15 DT B C5     1 
ATOM 458 C C7     . DT B 1 5  ? -0.589  -3.010  -2.750  1.00 0.00 ? 15 DT B C7     1 
ATOM 459 C C6     . DT B 1 5  ? 1.773   -3.699  -2.418  1.00 0.00 ? 15 DT B C6     1 
ATOM 460 H "H5'"  . DT B 1 5  ? 4.448   -5.829  -5.959  1.00 0.00 ? 15 DT B "H5'"  1 
ATOM 461 H "H5''" . DT B 1 5  ? 4.623   -7.524  -5.403  1.00 0.00 ? 15 DT B "H5''" 1 
ATOM 462 H "H4'"  . DT B 1 5  ? 5.923   -5.749  -3.993  1.00 0.00 ? 15 DT B "H4'"  1 
ATOM 463 H "H3'"  . DT B 1 5  ? 4.154   -7.821  -2.861  1.00 0.00 ? 15 DT B "H3'"  1 
ATOM 464 H "H2'"  . DT B 1 5  ? 2.671   -6.264  -1.887  1.00 0.00 ? 15 DT B "H2'"  1 
ATOM 465 H "H2''" . DT B 1 5  ? 3.904   -6.110  -0.618  1.00 0.00 ? 15 DT B "H2''" 1 
ATOM 466 H "H1'"  . DT B 1 5  ? 5.045   -4.298  -1.802  1.00 0.00 ? 15 DT B "H1'"  1 
ATOM 467 H H3     . DT B 1 5  ? 2.761   -0.481  -0.844  1.00 0.00 ? 15 DT B H3     1 
ATOM 468 H H71    . DT B 1 5  ? -0.599  -3.481  -3.743  1.00 0.00 ? 15 DT B H71    1 
ATOM 469 H H72    . DT B 1 5  ? -1.178  -2.083  -2.802  1.00 0.00 ? 15 DT B H72    1 
ATOM 470 H H73    . DT B 1 5  ? -1.074  -3.691  -2.037  1.00 0.00 ? 15 DT B H73    1 
ATOM 471 H H6     . DT B 1 5  ? 1.478   -4.625  -2.910  1.00 0.00 ? 15 DT B H6     1 
ATOM 472 P P      . DA B 1 6  ? 6.166   -8.159  -0.809  1.00 0.00 ? 16 DA B P      1 
ATOM 473 O OP1    . DA B 1 6  ? 7.632   -8.339  -0.611  1.00 0.00 ? 16 DA B OP1    1 
ATOM 474 O OP2    . DA B 1 6  ? 5.547   -9.474  -1.136  1.00 0.00 ? 16 DA B OP2    1 
ATOM 475 O "O5'"  . DA B 1 6  ? 5.504   -7.584  0.525   1.00 0.00 ? 16 DA B "O5'"  1 
ATOM 476 C "C5'"  . DA B 1 6  ? 6.188   -6.803  1.509   1.00 0.00 ? 16 DA B "C5'"  1 
ATOM 477 C "C4'"  . DA B 1 6  ? 5.154   -6.326  2.553   1.00 0.00 ? 16 DA B "C4'"  1 
ATOM 478 O "O4'"  . DA B 1 6  ? 4.291   -5.344  1.955   1.00 0.00 ? 16 DA B "O4'"  1 
ATOM 479 C "C3'"  . DA B 1 6  ? 4.208   -7.465  3.032   1.00 0.00 ? 16 DA B "C3'"  1 
ATOM 480 O "O3'"  . DA B 1 6  ? 4.246   -7.513  4.463   1.00 0.00 ? 16 DA B "O3'"  1 
ATOM 481 C "C2'"  . DA B 1 6  ? 2.823   -6.987  2.531   1.00 0.00 ? 16 DA B "C2'"  1 
ATOM 482 C "C1'"  . DA B 1 6  ? 3.008   -5.457  2.579   1.00 0.00 ? 16 DA B "C1'"  1 
ATOM 483 N N9     . DA B 1 6  ? 2.015   -4.625  1.911   1.00 0.00 ? 16 DA B N9     1 
ATOM 484 C C8     . DA B 1 6  ? 1.093   -4.983  1.053   1.00 0.00 ? 16 DA B C8     1 
ATOM 485 N N7     . DA B 1 6  ? 0.366   -4.000  0.718   1.00 0.00 ? 16 DA B N7     1 
ATOM 486 C C5     . DA B 1 6  ? 0.765   -2.898  1.365   1.00 0.00 ? 16 DA B C5     1 
ATOM 487 C C6     . DA B 1 6  ? 0.291   -1.589  1.372   1.00 0.00 ? 16 DA B C6     1 
ATOM 488 N N6     . DA B 1 6  ? -0.804  -1.215  0.672   1.00 0.00 ? 16 DA B N6     1 
ATOM 489 N N1     . DA B 1 6  ? 0.998   -0.724  2.137   1.00 0.00 ? 16 DA B N1     1 
ATOM 490 C C2     . DA B 1 6  ? 2.053   -1.122  2.891   1.00 0.00 ? 16 DA B C2     1 
ATOM 491 N N3     . DA B 1 6  ? 2.491   -2.402  2.902   1.00 0.00 ? 16 DA B N3     1 
ATOM 492 C C4     . DA B 1 6  ? 1.846   -3.298  2.134   1.00 0.00 ? 16 DA B C4     1 
ATOM 493 H "H5'"  . DA B 1 6  ? 6.671   -5.932  1.037   1.00 0.00 ? 16 DA B "H5'"  1 
ATOM 494 H "H5''" . DA B 1 6  ? 6.956   -7.429  1.989   1.00 0.00 ? 16 DA B "H5''" 1 
ATOM 495 H "H4'"  . DA B 1 6  ? 5.668   -5.853  3.407   1.00 0.00 ? 16 DA B "H4'"  1 
ATOM 496 H "H3'"  . DA B 1 6  ? 4.478   -8.464  2.652   1.00 0.00 ? 16 DA B "H3'"  1 
ATOM 497 H "H2'"  . DA B 1 6  ? 2.696   -7.322  1.490   1.00 0.00 ? 16 DA B "H2'"  1 
ATOM 498 H "H2''" . DA B 1 6  ? 1.969   -7.332  3.131   1.00 0.00 ? 16 DA B "H2''" 1 
ATOM 499 H "H1'"  . DA B 1 6  ? 3.079   -5.124  3.629   1.00 0.00 ? 16 DA B "H1'"  1 
ATOM 500 H H8     . DA B 1 6  ? 0.925   -5.981  0.652   1.00 0.00 ? 16 DA B H8     1 
ATOM 501 H H61    . DA B 1 6  ? -1.326  -1.904  0.113   1.00 0.00 ? 16 DA B H61    1 
ATOM 502 H H62    . DA B 1 6  ? -1.124  -0.235  0.699   1.00 0.00 ? 16 DA B H62    1 
ATOM 503 H H2     . DA B 1 6  ? 2.562   -0.389  3.506   1.00 0.00 ? 16 DA B H2     1 
ATOM 504 P P      . DG B 1 7  ? 3.557   -8.569  5.448   1.00 0.00 ? 17 DG B P      1 
ATOM 505 O OP1    . DG B 1 7  ? 4.504   -9.677  5.751   1.00 0.00 ? 17 DG B OP1    1 
ATOM 506 O OP2    . DG B 1 7  ? 2.299   -9.124  4.874   1.00 0.00 ? 17 DG B OP2    1 
ATOM 507 O "O5'"  . DG B 1 7  ? 3.218   -7.746  6.775   1.00 0.00 ? 17 DG B "O5'"  1 
ATOM 508 C "C5'"  . DG B 1 7  ? 4.211   -7.150  7.617   1.00 0.00 ? 17 DG B "C5'"  1 
ATOM 509 C "C4'"  . DG B 1 7  ? 3.492   -6.107  8.501   1.00 0.00 ? 17 DG B "C4'"  1 
ATOM 510 O "O4'"  . DG B 1 7  ? 2.909   -5.165  7.585   1.00 0.00 ? 17 DG B "O4'"  1 
ATOM 511 C "C3'"  . DG B 1 7  ? 2.324   -6.732  9.305   1.00 0.00 ? 17 DG B "C3'"  1 
ATOM 512 O "O3'"  . DG B 1 7  ? 2.361   -6.217  10.645  1.00 0.00 ? 17 DG B "O3'"  1 
ATOM 513 C "C2'"  . DG B 1 7  ? 1.074   -6.266  8.530   1.00 0.00 ? 17 DG B "C2'"  1 
ATOM 514 C "C1'"  . DG B 1 7  ? 1.540   -4.922  7.934   1.00 0.00 ? 17 DG B "C1'"  1 
ATOM 515 N N9     . DG B 1 7  ? 0.851   -4.553  6.702   1.00 0.00 ? 17 DG B N9     1 
ATOM 516 C C8     . DG B 1 7  ? 0.882   -5.229  5.587   1.00 0.00 ? 17 DG B C8     1 
ATOM 517 N N7     . DG B 1 7  ? 0.222   -4.631  4.696   1.00 0.00 ? 17 DG B N7     1 
ATOM 518 C C5     . DG B 1 7  ? -0.315  -3.418  5.245   1.00 0.00 ? 17 DG B C5     1 
ATOM 519 C C6     . DG B 1 7  ? -1.124  -2.289  4.791   1.00 0.00 ? 17 DG B C6     1 
ATOM 520 O O6     . DG B 1 7  ? -1.533  -2.247  3.641   1.00 0.00 ? 17 DG B O6     1 
ATOM 521 N N1     . DG B 1 7  ? -1.362  -1.336  5.729   1.00 0.00 ? 17 DG B N1     1 
ATOM 522 C C2     . DG B 1 7  ? -0.901  -1.412  7.017   1.00 0.00 ? 17 DG B C2     1 
ATOM 523 N N2     . DG B 1 7  ? -1.202  -0.447  7.845   1.00 0.00 ? 17 DG B N2     1 
ATOM 524 N N3     . DG B 1 7  ? -0.194  -2.404  7.404   1.00 0.00 ? 17 DG B N3     1 
ATOM 525 C C4     . DG B 1 7  ? 0.135   -3.474  6.497   1.00 0.00 ? 17 DG B C4     1 
ATOM 526 H "H5'"  . DG B 1 7  ? 4.964   -6.632  7.002   1.00 0.00 ? 17 DG B "H5'"  1 
ATOM 527 H "H5''" . DG B 1 7  ? 4.711   -7.926  8.219   1.00 0.00 ? 17 DG B "H5''" 1 
ATOM 528 H "H4'"  . DG B 1 7  ? 4.210   -5.595  9.161   1.00 0.00 ? 17 DG B "H4'"  1 
ATOM 529 H "H3'"  . DG B 1 7  ? 2.383   -7.831  9.372   1.00 0.00 ? 17 DG B "H3'"  1 
ATOM 530 H "H2'"  . DG B 1 7  ? 0.850   -6.980  7.722   1.00 0.00 ? 17 DG B "H2'"  1 
ATOM 531 H "H2''" . DG B 1 7  ? 0.188   -6.166  9.169   1.00 0.00 ? 17 DG B "H2''" 1 
ATOM 532 H "H1'"  . DG B 1 7  ? 1.502   -4.128  8.699   1.00 0.00 ? 17 DG B "H1'"  1 
ATOM 533 H H8     . DG B 1 7  ? 1.400   -6.172  5.422   1.00 0.00 ? 17 DG B H8     1 
ATOM 534 H H1     . DG B 1 7  ? -1.903  -0.552  5.428   1.00 0.00 ? 17 DG B H1     1 
ATOM 535 H H21    . DG B 1 7  ? -1.781  0.353   7.548   1.00 0.00 ? 17 DG B H21    1 
ATOM 536 H H22    . DG B 1 7  ? -0.865  -0.482  8.819   1.00 0.00 ? 17 DG B H22    1 
ATOM 537 P P      . DT B 1 8  ? 1.296   -6.550  11.791  1.00 0.00 ? 18 DT B P      1 
ATOM 538 O OP1    . DT B 1 8  ? 1.983   -6.598  13.112  1.00 0.00 ? 18 DT B OP1    1 
ATOM 539 O OP2    . DT B 1 8  ? 0.634   -7.857  11.521  1.00 0.00 ? 18 DT B OP2    1 
ATOM 540 O "O5'"  . DT B 1 8  ? 0.206   -5.381  11.801  1.00 0.00 ? 18 DT B "O5'"  1 
ATOM 541 C "C5'"  . DT B 1 8  ? 0.547   -4.034  12.152  1.00 0.00 ? 18 DT B "C5'"  1 
ATOM 542 C "C4'"  . DT B 1 8  ? -0.704  -3.147  11.974  1.00 0.00 ? 18 DT B "C4'"  1 
ATOM 543 O "O4'"  . DT B 1 8  ? -1.075  -3.197  10.585  1.00 0.00 ? 18 DT B "O4'"  1 
ATOM 544 C "C3'"  . DT B 1 8  ? -1.932  -3.679  12.761  1.00 0.00 ? 18 DT B "C3'"  1 
ATOM 545 O "O3'"  . DT B 1 8  ? -2.585  -2.566  13.389  1.00 0.00 ? 18 DT B "O3'"  1 
ATOM 546 C "C2'"  . DT B 1 8  ? -2.809  -4.281  11.641  1.00 0.00 ? 18 DT B "C2'"  1 
ATOM 547 C "C1'"  . DT B 1 8  ? -2.501  -3.292  10.488  1.00 0.00 ? 18 DT B "C1'"  1 
ATOM 548 N N1     . DT B 1 8  ? -2.833  -3.637  9.096   1.00 0.00 ? 18 DT B N1     1 
ATOM 549 C C2     . DT B 1 8  ? -3.380  -2.692  8.283   1.00 0.00 ? 18 DT B C2     1 
ATOM 550 O O2     . DT B 1 8  ? -3.691  -1.585  8.695   1.00 0.00 ? 18 DT B O2     1 
ATOM 551 N N3     . DT B 1 8  ? -3.576  -2.978  6.977   1.00 0.00 ? 18 DT B N3     1 
ATOM 552 C C4     . DT B 1 8  ? -3.260  -4.176  6.452   1.00 0.00 ? 18 DT B C4     1 
ATOM 553 O O4     . DT B 1 8  ? -3.416  -4.436  5.268   1.00 0.00 ? 18 DT B O4     1 
ATOM 554 C C5     . DT B 1 8  ? -2.701  -5.205  7.340   1.00 0.00 ? 18 DT B C5     1 
ATOM 555 C C7     . DT B 1 8  ? -2.376  -6.544  6.798   1.00 0.00 ? 18 DT B C7     1 
ATOM 556 C C6     . DT B 1 8  ? -2.511  -4.867  8.621   1.00 0.00 ? 18 DT B C6     1 
ATOM 557 H "H5'"  . DT B 1 8  ? 1.352   -3.672  11.493  1.00 0.00 ? 18 DT B "H5'"  1 
ATOM 558 H "H5''" . DT B 1 8  ? 0.893   -4.000  13.197  1.00 0.00 ? 18 DT B "H5''" 1 
ATOM 559 H "H4'"  . DT B 1 8  ? -0.476  -2.105  12.254  1.00 0.00 ? 18 DT B "H4'"  1 
ATOM 560 H "H3'"  . DT B 1 8  ? -1.675  -4.414  13.544  1.00 0.00 ? 18 DT B "H3'"  1 
ATOM 561 H "H2'"  . DT B 1 8  ? -2.444  -5.299  11.446  1.00 0.00 ? 18 DT B "H2'"  1 
ATOM 562 H "H2''" . DT B 1 8  ? -3.870  -4.345  11.911  1.00 0.00 ? 18 DT B "H2''" 1 
ATOM 563 H "H1'"  . DT B 1 8  ? -2.932  -2.322  10.786  1.00 0.00 ? 18 DT B "H1'"  1 
ATOM 564 H H3     . DT B 1 8  ? -3.958  -2.275  6.376   1.00 0.00 ? 18 DT B H3     1 
ATOM 565 H H71    . DT B 1 8  ? -3.269  -6.962  6.335   1.00 0.00 ? 18 DT B H71    1 
ATOM 566 H H72    . DT B 1 8  ? -1.994  -7.251  7.533   1.00 0.00 ? 18 DT B H72    1 
ATOM 567 H H73    . DT B 1 8  ? -1.644  -6.433  6.000   1.00 0.00 ? 18 DT B H73    1 
ATOM 568 H H6     . DT B 1 8  ? -2.083  -5.624  9.269   1.00 0.00 ? 18 DT B H6     1 
ATOM 569 P P      . DC B 1 9  ? -3.980  -2.597  14.173  1.00 0.00 ? 19 DC B P      1 
ATOM 570 O OP1    . DC B 1 9  ? -3.858  -1.808  15.430  1.00 0.00 ? 19 DC B OP1    1 
ATOM 571 O OP2    . DC B 1 9  ? -4.355  -4.000  14.510  1.00 0.00 ? 19 DC B OP2    1 
ATOM 572 O "O5'"  . DC B 1 9  ? -5.104  -1.941  13.242  1.00 0.00 ? 19 DC B "O5'"  1 
ATOM 573 C "C5'"  . DC B 1 9  ? -5.111  -0.551  12.887  1.00 0.00 ? 19 DC B "C5'"  1 
ATOM 574 C "C4'"  . DC B 1 9  ? -6.359  -0.254  12.021  1.00 0.00 ? 19 DC B "C4'"  1 
ATOM 575 O "O4'"  . DC B 1 9  ? -6.227  -0.996  10.800  1.00 0.00 ? 19 DC B "O4'"  1 
ATOM 576 C "C3'"  . DC B 1 9  ? -7.668  -0.749  12.694  1.00 0.00 ? 19 DC B "C3'"  1 
ATOM 577 O "O3'"  . DC B 1 9  ? -8.635  0.311   12.668  1.00 0.00 ? 19 DC B "O3'"  1 
ATOM 578 C "C2'"  . DC B 1 9  ? -8.080  -1.954  11.819  1.00 0.00 ? 19 DC B "C2'"  1 
ATOM 579 C "C1'"  . DC B 1 9  ? -7.498  -1.558  10.447  1.00 0.00 ? 19 DC B "C1'"  1 
ATOM 580 N N1     . DC B 1 9  ? -7.276  -2.715  9.579   1.00 0.00 ? 19 DC B N1     1 
ATOM 581 C C2     . DC B 1 9  ? -8.102  -2.993  8.548   1.00 0.00 ? 19 DC B C2     1 
ATOM 582 O O2     . DC B 1 9  ? -9.087  -2.323  8.285   1.00 0.00 ? 19 DC B O2     1 
ATOM 583 N N3     . DC B 1 9  ? -7.836  -4.123  7.690   1.00 0.00 ? 19 DC B N3     1 
ATOM 584 C C4     . DC B 1 9  ? -6.844  -4.897  7.881   1.00 0.00 ? 19 DC B C4     1 
ATOM 585 N N4     . DC B 1 9  ? -6.581  -5.911  7.105   1.00 0.00 ? 19 DC B N4     1 
ATOM 586 C C5     . DC B 1 9  ? -5.981  -4.599  9.042   1.00 0.00 ? 19 DC B C5     1 
ATOM 587 C C6     . DC B 1 9  ? -6.227  -3.536  9.818   1.00 0.00 ? 19 DC B C6     1 
ATOM 588 H "H5'"  . DC B 1 9  ? -4.194  -0.307  12.327  1.00 0.00 ? 19 DC B "H5'"  1 
ATOM 589 H "H5''" . DC B 1 9  ? -5.144  0.059   13.803  1.00 0.00 ? 19 DC B "H5''" 1 
ATOM 590 H "H4'"  . DC B 1 9  ? -6.416  0.821   11.780  1.00 0.00 ? 19 DC B "H4'"  1 
ATOM 591 H "H3'"  . DC B 1 9  ? -7.521  -1.039  13.748  1.00 0.00 ? 19 DC B "H3'"  1 
ATOM 592 H "H2'"  . DC B 1 9  ? -7.571  -2.861  12.183  1.00 0.00 ? 19 DC B "H2'"  1 
ATOM 593 H "H2''" . DC B 1 9  ? -9.163  -2.149  11.783  1.00 0.00 ? 19 DC B "H2''" 1 
ATOM 594 H "H1'"  . DC B 1 9  ? -8.111  -0.768  9.981   1.00 0.00 ? 19 DC B "H1'"  1 
ATOM 595 H H41    . DC B 1 9  ? -7.184  -6.112  6.296   1.00 0.00 ? 19 DC B H41    1 
ATOM 596 H H42    . DC B 1 9  ? -5.768  -6.520  7.288   1.00 0.00 ? 19 DC B H42    1 
ATOM 597 H H5     . DC B 1 9  ? -5.137  -5.248  9.271   1.00 0.00 ? 19 DC B H5     1 
ATOM 598 H H6     . DC B 1 9  ? -5.563  -3.343  10.658  1.00 0.00 ? 19 DC B H6     1 
ATOM 599 P P      . DG B 1 10 ? -10.086 0.231   13.339  1.00 0.00 ? 20 DG B P      1 
ATOM 600 O OP1    . DG B 1 10 ? -10.625 1.607   13.525  1.00 0.00 ? 20 DG B OP1    1 
ATOM 601 O OP2    . DG B 1 10 ? -9.988  -0.440  14.665  1.00 0.00 ? 20 DG B OP2    1 
ATOM 602 O "O5'"  . DG B 1 10 ? -11.066 -0.606  12.392  1.00 0.00 ? 20 DG B "O5'"  1 
ATOM 603 C "C5'"  . DG B 1 10 ? -11.800 -0.033  11.307  1.00 0.00 ? 20 DG B "C5'"  1 
ATOM 604 C "C4'"  . DG B 1 10 ? -12.553 -1.162  10.569  1.00 0.00 ? 20 DG B "C4'"  1 
ATOM 605 O "O4'"  . DG B 1 10 ? -11.599 -2.016  9.912   1.00 0.00 ? 20 DG B "O4'"  1 
ATOM 606 C "C3'"  . DG B 1 10 ? -13.349 -2.099  11.528  1.00 0.00 ? 20 DG B "C3'"  1 
ATOM 607 O "O3'"  . DG B 1 10 ? -14.719 -2.230  11.109  1.00 0.00 ? 20 DG B "O3'"  1 
ATOM 608 C "C2'"  . DG B 1 10 ? -12.642 -3.460  11.333  1.00 0.00 ? 20 DG B "C2'"  1 
ATOM 609 C "C1'"  . DG B 1 10 ? -12.163 -3.330  9.872   1.00 0.00 ? 20 DG B "C1'"  1 
ATOM 610 N N9     . DG B 1 10 ? -11.218 -4.323  9.373   1.00 0.00 ? 20 DG B N9     1 
ATOM 611 C C8     . DG B 1 10 ? -10.377 -5.048  10.058  1.00 0.00 ? 20 DG B C8     1 
ATOM 612 N N7     . DG B 1 10 ? -9.753  -5.829  9.289   1.00 0.00 ? 20 DG B N7     1 
ATOM 613 C C5     . DG B 1 10 ? -10.207 -5.633  7.940   1.00 0.00 ? 20 DG B C5     1 
ATOM 614 C C6     . DG B 1 10 ? -9.949  -6.175  6.605   1.00 0.00 ? 20 DG B C6     1 
ATOM 615 O O6     . DG B 1 10 ? -9.127  -7.063  6.450   1.00 0.00 ? 20 DG B O6     1 
ATOM 616 N N1     . DG B 1 10 ? -10.677 -5.620  5.600   1.00 0.00 ? 20 DG B N1     1 
ATOM 617 C C2     . DG B 1 10 ? -11.586 -4.616  5.797   1.00 0.00 ? 20 DG B C2     1 
ATOM 618 N N2     . DG B 1 10 ? -12.218 -4.131  4.761   1.00 0.00 ? 20 DG B N2     1 
ATOM 619 N N3     . DG B 1 10 ? -11.814 -4.158  6.967   1.00 0.00 ? 20 DG B N3     1 
ATOM 620 C C4     . DG B 1 10 ? -11.109 -4.670  8.114   1.00 0.00 ? 20 DG B C4     1 
ATOM 621 H "H5'"  . DG B 1 10 ? -11.113 0.475   10.613  1.00 0.00 ? 20 DG B "H5'"  1 
ATOM 622 H "H5''" . DG B 1 10 ? -12.520 0.698   11.707  1.00 0.00 ? 20 DG B "H5''" 1 
ATOM 623 H "H4'"  . DG B 1 10 ? -13.212 -0.735  9.795   1.00 0.00 ? 20 DG B "H4'"  1 
ATOM 624 H "H3'"  . DG B 1 10 ? -13.325 -1.789  12.588  1.00 0.00 ? 20 DG B "H3'"  1 
ATOM 625 H "HO3'" . DG B 1 10 ? -15.200 -1.413  11.182  1.00 0.00 ? 20 DG B "HO3'" 1 
ATOM 626 H "H2'"  . DG B 1 10 ? -11.780 -3.511  12.018  1.00 0.00 ? 20 DG B "H2'"  1 
ATOM 627 H "H2''" . DG B 1 10 ? -13.299 -4.327  11.504  1.00 0.00 ? 20 DG B "H2''" 1 
ATOM 628 H "H1'"  . DG B 1 10 ? -13.047 -3.334  9.208   1.00 0.00 ? 20 DG B "H1'"  1 
ATOM 629 H H8     . DG B 1 10 ? -10.200 -5.026  11.132  1.00 0.00 ? 20 DG B H8     1 
ATOM 630 H H1     . DG B 1 10 ? -10.520 -5.984  4.682   1.00 0.00 ? 20 DG B H1     1 
ATOM 631 H H21    . DG B 1 10 ? -12.043 -4.488  3.809   1.00 0.00 ? 20 DG B H21    1 
ATOM 632 H H22    . DG B 1 10 ? -12.905 -3.372  4.888   1.00 0.00 ? 20 DG B H22    1 
# 
